data_7VR2
#
_entry.id   7VR2
#
_cell.length_a   65.609
_cell.length_b   70.863
_cell.length_c   81.191
_cell.angle_alpha   90.000
_cell.angle_beta   100.560
_cell.angle_gamma   90.000
#
_symmetry.space_group_name_H-M   'P 1 21 1'
#
loop_
_entity.id
_entity.type
_entity.pdbx_description
1 polymer '(-)-pulegone reductase PR1292 from Nepeta tenuifolia'
2 water water
#
_entity_poly.entity_id   1
_entity_poly.type   'polypeptide(L)'
_entity_poly.pdbx_seq_one_letter_code
;MVEEVSNKQIIFKDYINGFPKESDMILKTSTIKLKVPEGCNDAVLVKNLYLSCDPYMRSRMSKLDDNYVPIFIPGSPITG
DGVAKVLDSSHPDFKRGDLIRGITGWEEYTLIQSAEFITKIQHTDLPLSYHIGILGMPGLTAYAGFYEISSPKEGETVFV
SAASGAVGQLVGQFAKLSGCYVVGSAGTKDKVDMLKNKFGFDDAFNYKEEHDLDAALKRYFPEGIDIYFDNVGGKMLDAV
LPNMKTKGRIATCGMISQYNLDEAEGVRNLFCIMTKQIRMQGYLVYYYRHLYPKLFDLVVPLLRQGKINYVEDVAEGLES
APAALIGLFSGRNVGKQVVRVATE
;
_entity_poly.pdbx_strand_id   A,B
#
# COMPACT_ATOMS: atom_id res chain seq x y z
N MET A 1 45.94 30.79 24.07
CA MET A 1 46.37 29.88 23.03
C MET A 1 45.32 29.76 21.92
N VAL A 2 44.27 28.99 22.19
CA VAL A 2 43.20 28.75 21.21
C VAL A 2 41.97 29.54 21.61
N GLU A 3 41.25 30.03 20.60
CA GLU A 3 40.11 30.90 20.81
C GLU A 3 39.00 30.21 21.61
N GLU A 4 38.48 30.91 22.61
CA GLU A 4 37.25 30.52 23.28
C GLU A 4 36.20 31.57 22.95
N VAL A 5 35.14 31.14 22.26
CA VAL A 5 34.17 32.06 21.68
C VAL A 5 32.77 31.70 22.19
N SER A 6 31.82 32.60 21.92
CA SER A 6 30.42 32.35 22.19
C SER A 6 29.87 31.38 21.15
N ASN A 7 28.99 30.49 21.60
CA ASN A 7 28.35 29.50 20.73
C ASN A 7 26.85 29.51 21.01
N LYS A 8 26.11 30.23 20.18
CA LYS A 8 24.66 30.24 20.30
C LYS A 8 24.10 28.89 19.87
N GLN A 9 23.08 28.43 20.59
CA GLN A 9 22.47 27.13 20.34
C GLN A 9 20.95 27.25 20.35
N ILE A 10 20.30 26.36 19.61
CA ILE A 10 18.85 26.18 19.67
C ILE A 10 18.60 24.90 20.44
N ILE A 11 18.20 25.04 21.69
CA ILE A 11 18.02 23.90 22.60
C ILE A 11 16.61 23.37 22.49
N PHE A 12 16.47 22.05 22.50
CA PHE A 12 15.16 21.41 22.52
C PHE A 12 14.64 21.37 23.95
N LYS A 13 13.45 21.92 24.16
CA LYS A 13 12.93 22.10 25.52
C LYS A 13 12.54 20.77 26.14
N ASP A 14 11.52 20.11 25.60
CA ASP A 14 11.05 18.84 26.12
C ASP A 14 10.09 18.22 25.11
N TYR A 15 9.81 16.93 25.31
CA TYR A 15 8.96 16.20 24.39
C TYR A 15 7.55 16.77 24.40
N ILE A 16 6.92 16.77 23.22
CA ILE A 16 5.60 17.34 23.05
C ILE A 16 4.63 16.25 22.61
N ASN A 17 3.35 16.56 22.70
CA ASN A 17 2.30 15.72 22.15
C ASN A 17 1.18 16.62 21.64
N GLY A 18 1.53 17.47 20.69
CA GLY A 18 0.58 18.33 20.04
C GLY A 18 1.22 18.95 18.82
N PHE A 19 0.67 20.08 18.39
CA PHE A 19 1.33 20.80 17.32
C PHE A 19 2.53 21.56 17.87
N PRO A 20 3.70 21.44 17.25
CA PRO A 20 4.89 22.09 17.80
C PRO A 20 4.81 23.60 17.71
N LYS A 21 5.46 24.27 18.66
CA LYS A 21 5.47 25.71 18.75
C LYS A 21 6.92 26.19 18.88
N GLU A 22 7.10 27.50 18.72
CA GLU A 22 8.44 28.08 18.87
C GLU A 22 8.96 27.92 20.29
N SER A 23 8.07 27.92 21.28
CA SER A 23 8.47 27.74 22.68
C SER A 23 8.96 26.33 22.98
N ASP A 24 8.86 25.41 22.02
CA ASP A 24 9.48 24.10 22.16
C ASP A 24 10.98 24.14 21.92
N MET A 25 11.51 25.27 21.46
CA MET A 25 12.95 25.48 21.31
C MET A 25 13.34 26.74 22.05
N ILE A 26 14.54 26.73 22.62
CA ILE A 26 15.03 27.82 23.46
C ILE A 26 16.42 28.23 22.98
N LEU A 27 16.60 29.51 22.70
CA LEU A 27 17.90 30.03 22.31
C LEU A 27 18.82 30.10 23.53
N LYS A 28 20.04 29.63 23.37
CA LYS A 28 21.00 29.60 24.47
C LYS A 28 22.38 30.00 23.95
N THR A 29 23.05 30.86 24.70
CA THR A 29 24.42 31.27 24.39
C THR A 29 25.36 30.53 25.34
N SER A 30 26.09 29.56 24.80
CA SER A 30 27.12 28.83 25.52
C SER A 30 28.49 29.28 25.02
N THR A 31 29.52 28.64 25.53
CA THR A 31 30.88 28.87 25.06
C THR A 31 31.50 27.57 24.57
N ILE A 32 32.55 27.70 23.77
CA ILE A 32 33.27 26.55 23.24
C ILE A 32 34.66 27.02 22.86
N LYS A 33 35.65 26.14 23.07
CA LYS A 33 37.01 26.43 22.64
C LYS A 33 37.22 25.76 21.28
N LEU A 34 37.74 26.54 20.33
CA LEU A 34 37.81 26.12 18.93
C LEU A 34 38.96 25.15 18.70
N LYS A 35 38.86 24.00 19.36
CA LYS A 35 39.79 22.90 19.18
C LYS A 35 39.11 21.60 19.58
N VAL A 36 39.50 20.52 18.92
CA VAL A 36 39.03 19.20 19.36
C VAL A 36 39.67 18.87 20.70
N PRO A 37 38.88 18.45 21.69
CA PRO A 37 39.47 18.13 23.01
C PRO A 37 40.52 17.04 22.90
N GLU A 38 41.60 17.19 23.66
CA GLU A 38 42.65 16.19 23.68
C GLU A 38 42.10 14.86 24.19
N GLY A 39 42.57 13.76 23.60
CA GLY A 39 42.06 12.47 23.97
C GLY A 39 40.73 12.11 23.37
N CYS A 40 40.18 12.97 22.51
CA CYS A 40 38.93 12.71 21.82
C CYS A 40 39.28 12.49 20.35
N ASN A 41 39.31 11.24 19.93
CA ASN A 41 39.78 10.84 18.61
C ASN A 41 38.63 10.72 17.63
N ASP A 42 38.98 10.78 16.34
CA ASP A 42 38.02 10.65 15.24
C ASP A 42 36.88 11.65 15.37
N ALA A 43 37.16 12.83 15.89
CA ALA A 43 36.19 13.90 16.03
C ALA A 43 36.49 15.03 15.06
N VAL A 44 35.45 15.77 14.68
CA VAL A 44 35.56 16.88 13.74
C VAL A 44 34.82 18.08 14.33
N LEU A 45 35.55 19.16 14.56
CA LEU A 45 34.96 20.41 15.02
C LEU A 45 34.64 21.27 13.80
N VAL A 46 33.38 21.68 13.67
CA VAL A 46 32.93 22.38 12.48
C VAL A 46 32.27 23.70 12.86
N LYS A 47 32.29 24.62 11.91
CA LYS A 47 31.50 25.84 11.96
C LYS A 47 30.30 25.66 11.03
N ASN A 48 29.10 25.66 11.61
CA ASN A 48 27.91 25.39 10.82
C ASN A 48 27.53 26.60 9.98
N LEU A 49 27.26 26.36 8.69
CA LEU A 49 26.92 27.39 7.73
C LEU A 49 25.44 27.39 7.34
N TYR A 50 24.87 26.23 7.06
CA TYR A 50 23.48 26.10 6.67
C TYR A 50 22.85 24.96 7.44
N LEU A 51 21.61 25.15 7.88
CA LEU A 51 20.84 24.13 8.57
C LEU A 51 19.59 23.82 7.77
N SER A 52 19.24 22.54 7.72
CA SER A 52 18.06 22.09 6.98
C SER A 52 16.86 21.95 7.90
N CYS A 53 15.70 22.36 7.40
CA CYS A 53 14.42 22.12 8.05
C CYS A 53 13.65 21.11 7.23
N ASP A 54 13.36 19.95 7.82
CA ASP A 54 12.72 18.86 7.12
C ASP A 54 11.51 18.37 7.90
N PRO A 55 10.47 17.89 7.19
CA PRO A 55 9.24 17.47 7.89
C PRO A 55 9.44 16.32 8.86
N TYR A 56 10.40 15.42 8.63
CA TYR A 56 10.61 14.31 9.54
C TYR A 56 11.04 14.76 10.93
N MET A 57 11.46 16.02 11.07
CA MET A 57 11.90 16.51 12.37
C MET A 57 10.75 16.76 13.33
N ARG A 58 9.50 16.80 12.85
CA ARG A 58 8.38 16.87 13.77
C ARG A 58 8.28 15.61 14.61
N SER A 59 8.57 14.45 14.01
CA SER A 59 8.49 13.19 14.75
C SER A 59 9.58 13.09 15.81
N ARG A 60 10.72 13.75 15.60
CA ARG A 60 11.78 13.74 16.59
C ARG A 60 11.42 14.51 17.86
N MET A 61 10.36 15.32 17.83
CA MET A 61 9.95 16.11 18.98
C MET A 61 9.01 15.36 19.92
N SER A 62 8.56 14.17 19.55
CA SER A 62 7.69 13.36 20.39
C SER A 62 8.38 12.04 20.73
N LYS A 63 8.12 11.55 21.94
CA LYS A 63 8.68 10.28 22.38
C LYS A 63 7.60 9.22 22.29
N LEU A 64 7.80 8.25 21.40
CA LEU A 64 6.89 7.13 21.24
C LEU A 64 7.69 5.83 21.30
N ASP A 65 6.97 4.73 21.48
CA ASP A 65 7.52 3.43 21.15
C ASP A 65 7.47 3.28 19.63
N ASP A 66 8.51 2.66 19.07
CA ASP A 66 8.67 2.55 17.61
C ASP A 66 8.83 3.95 16.99
N ASN A 67 9.95 4.60 17.34
CA ASN A 67 10.17 5.99 17.00
C ASN A 67 10.57 6.23 15.56
N TYR A 68 11.09 5.21 14.87
CA TYR A 68 11.46 5.23 13.46
C TYR A 68 12.52 6.30 13.11
N VAL A 69 12.65 7.35 13.92
CA VAL A 69 13.80 8.25 13.87
C VAL A 69 14.31 8.41 15.31
N PRO A 70 15.62 8.55 15.53
CA PRO A 70 16.10 8.96 16.85
C PRO A 70 15.49 10.29 17.25
N ILE A 71 14.88 10.31 18.43
CA ILE A 71 14.18 11.51 18.90
C ILE A 71 15.19 12.54 19.37
N PHE A 72 14.73 13.78 19.56
CA PHE A 72 15.57 14.81 20.13
C PHE A 72 15.83 14.52 21.62
N ILE A 73 16.84 15.19 22.16
CA ILE A 73 17.20 15.07 23.57
C ILE A 73 16.93 16.43 24.22
N PRO A 74 15.97 16.54 25.13
CA PRO A 74 15.74 17.83 25.80
C PRO A 74 16.96 18.29 26.56
N GLY A 75 17.26 19.58 26.46
CA GLY A 75 18.44 20.15 27.04
C GLY A 75 19.65 20.20 26.14
N SER A 76 19.65 19.42 25.06
CA SER A 76 20.68 19.42 24.05
C SER A 76 20.20 20.17 22.81
N PRO A 77 21.11 20.64 21.96
CA PRO A 77 20.69 21.35 20.76
C PRO A 77 19.91 20.45 19.82
N ILE A 78 19.09 21.08 18.97
CA ILE A 78 18.48 20.37 17.86
C ILE A 78 19.59 19.86 16.93
N THR A 79 19.35 18.72 16.30
CA THR A 79 20.27 18.16 15.33
C THR A 79 19.55 17.91 14.02
N GLY A 80 20.32 17.89 12.94
CA GLY A 80 19.77 17.65 11.62
C GLY A 80 20.84 17.86 10.56
N ASP A 81 20.41 17.69 9.31
CA ASP A 81 21.31 17.86 8.18
C ASP A 81 21.77 19.31 8.07
N GLY A 82 23.04 19.49 7.70
CA GLY A 82 23.56 20.82 7.53
C GLY A 82 24.85 20.83 6.75
N VAL A 83 25.23 22.02 6.31
CA VAL A 83 26.51 22.26 5.64
C VAL A 83 27.41 23.02 6.60
N ALA A 84 28.64 22.52 6.79
CA ALA A 84 29.54 23.08 7.78
C ALA A 84 30.97 23.06 7.25
N LYS A 85 31.82 23.86 7.90
CA LYS A 85 33.23 23.98 7.54
C LYS A 85 34.09 23.52 8.69
N VAL A 86 35.04 22.62 8.41
CA VAL A 86 35.86 22.02 9.44
C VAL A 86 36.87 23.03 9.96
N LEU A 87 36.96 23.15 11.29
CA LEU A 87 37.96 23.98 11.95
C LEU A 87 39.12 23.17 12.50
N ASP A 88 38.83 22.04 13.15
CA ASP A 88 39.85 21.13 13.64
C ASP A 88 39.36 19.71 13.47
N SER A 89 40.27 18.75 13.54
CA SER A 89 39.89 17.36 13.33
C SER A 89 40.95 16.43 13.91
N SER A 90 40.49 15.44 14.67
CA SER A 90 41.29 14.29 15.06
C SER A 90 40.93 13.05 14.24
N HIS A 91 40.28 13.25 13.09
CA HIS A 91 39.81 12.18 12.22
C HIS A 91 40.62 12.16 10.94
N PRO A 92 41.05 10.99 10.46
CA PRO A 92 41.94 10.95 9.30
C PRO A 92 41.34 11.53 8.02
N ASP A 93 40.03 11.41 7.83
CA ASP A 93 39.41 11.77 6.55
C ASP A 93 38.92 13.21 6.49
N PHE A 94 39.16 14.00 7.53
CA PHE A 94 38.71 15.39 7.54
C PHE A 94 39.81 16.27 8.10
N LYS A 95 40.03 17.42 7.45
CA LYS A 95 41.06 18.35 7.88
C LYS A 95 40.50 19.77 7.82
N ARG A 96 41.20 20.68 8.50
CA ARG A 96 40.76 22.06 8.59
C ARG A 96 40.60 22.67 7.21
N GLY A 97 39.45 23.32 6.98
CA GLY A 97 39.13 23.91 5.71
C GLY A 97 38.18 23.10 4.85
N ASP A 98 37.94 21.84 5.19
CA ASP A 98 37.01 21.01 4.42
C ASP A 98 35.58 21.49 4.65
N LEU A 99 34.79 21.46 3.58
CA LEU A 99 33.35 21.69 3.67
C LEU A 99 32.64 20.34 3.67
N ILE A 100 31.74 20.14 4.63
CA ILE A 100 31.08 18.86 4.82
C ILE A 100 29.58 19.06 4.91
N ARG A 101 28.85 17.98 4.66
CA ARG A 101 27.41 17.93 4.87
C ARG A 101 27.07 16.70 5.69
N GLY A 102 25.97 16.77 6.42
CA GLY A 102 25.53 15.66 7.23
C GLY A 102 24.86 16.17 8.50
N ILE A 103 24.74 15.26 9.47
CA ILE A 103 24.08 15.57 10.72
C ILE A 103 24.99 16.44 11.58
N THR A 104 24.46 17.58 12.04
CA THR A 104 25.21 18.49 12.88
C THR A 104 24.24 19.13 13.87
N GLY A 105 24.78 19.98 14.75
CA GLY A 105 23.97 20.62 15.76
C GLY A 105 23.41 21.96 15.30
N TRP A 106 22.25 22.32 15.84
CA TRP A 106 21.65 23.62 15.59
C TRP A 106 22.36 24.64 16.48
N GLU A 107 23.55 25.03 16.05
CA GLU A 107 24.42 25.88 16.84
C GLU A 107 25.47 26.46 15.91
N GLU A 108 26.24 27.42 16.42
CA GLU A 108 27.29 28.02 15.61
C GLU A 108 28.43 27.04 15.36
N TYR A 109 28.77 26.24 16.37
CA TYR A 109 29.87 25.28 16.27
C TYR A 109 29.44 23.97 16.89
N THR A 110 29.82 22.86 16.25
CA THR A 110 29.49 21.52 16.72
C THR A 110 30.74 20.68 16.75
N LEU A 111 30.94 19.96 17.85
CA LEU A 111 31.97 18.92 17.94
C LEU A 111 31.31 17.62 17.51
N ILE A 112 31.50 17.24 16.25
CA ILE A 112 30.93 16.01 15.72
C ILE A 112 31.84 14.85 16.13
N GLN A 113 31.39 14.03 17.07
CA GLN A 113 32.17 12.89 17.55
C GLN A 113 31.88 11.62 16.77
N SER A 114 30.94 11.67 15.83
CA SER A 114 30.63 10.51 15.00
C SER A 114 31.53 10.46 13.77
N ALA A 115 31.24 11.36 12.81
CA ALA A 115 31.90 11.48 11.51
C ALA A 115 31.34 10.48 10.51
N GLU A 116 30.71 9.40 10.98
CA GLU A 116 30.02 8.49 10.08
C GLU A 116 28.81 9.15 9.42
N PHE A 117 28.26 10.21 10.03
CA PHE A 117 27.10 10.90 9.50
C PHE A 117 27.47 12.09 8.61
N ILE A 118 28.75 12.34 8.37
CA ILE A 118 29.19 13.46 7.56
C ILE A 118 30.09 12.95 6.44
N THR A 119 30.01 13.62 5.29
CA THR A 119 30.85 13.33 4.14
C THR A 119 31.32 14.64 3.55
N LYS A 120 32.50 14.60 2.93
CA LYS A 120 33.08 15.79 2.31
C LYS A 120 32.25 16.22 1.10
N ILE A 121 32.07 17.53 0.96
CA ILE A 121 31.42 18.11 -0.21
C ILE A 121 32.50 18.38 -1.25
N GLN A 122 32.22 17.99 -2.49
CA GLN A 122 33.29 17.95 -3.50
C GLN A 122 33.07 18.87 -4.69
N HIS A 123 31.84 18.99 -5.20
CA HIS A 123 31.59 19.85 -6.36
C HIS A 123 32.03 21.28 -6.09
N THR A 124 31.27 21.97 -5.23
CA THR A 124 31.54 23.35 -4.82
C THR A 124 31.60 24.32 -6.00
N ASP A 125 30.82 24.04 -7.05
CA ASP A 125 30.50 25.06 -8.05
C ASP A 125 29.10 25.62 -7.86
N LEU A 126 28.21 24.84 -7.28
CA LEU A 126 26.85 25.25 -6.99
C LEU A 126 26.80 25.89 -5.60
N PRO A 127 25.69 26.56 -5.27
CA PRO A 127 25.58 27.14 -3.92
C PRO A 127 25.70 26.07 -2.84
N LEU A 128 26.32 26.47 -1.72
CA LEU A 128 26.56 25.53 -0.63
C LEU A 128 25.27 24.95 -0.08
N SER A 129 24.18 25.72 -0.09
CA SER A 129 22.93 25.23 0.47
C SER A 129 22.31 24.12 -0.36
N TYR A 130 22.75 23.95 -1.61
CA TYR A 130 22.19 22.90 -2.46
C TYR A 130 22.49 21.51 -1.91
N HIS A 131 23.54 21.36 -1.10
CA HIS A 131 23.97 20.06 -0.62
C HIS A 131 23.14 19.53 0.54
N ILE A 132 22.15 20.28 1.00
CA ILE A 132 21.14 19.77 1.91
C ILE A 132 19.75 19.84 1.30
N GLY A 133 19.66 20.06 -0.01
CA GLY A 133 18.38 20.09 -0.69
C GLY A 133 18.37 19.21 -1.93
N ILE A 134 18.50 19.83 -3.10
CA ILE A 134 18.45 19.08 -4.36
C ILE A 134 19.62 18.10 -4.46
N LEU A 135 20.76 18.44 -3.86
CA LEU A 135 21.91 17.54 -3.81
C LEU A 135 22.06 16.86 -2.45
N GLY A 136 21.08 17.03 -1.55
CA GLY A 136 21.11 16.38 -0.27
C GLY A 136 20.05 15.30 -0.13
N MET A 137 19.63 15.05 1.11
CA MET A 137 18.66 13.97 1.34
C MET A 137 17.32 14.18 0.65
N PRO A 138 16.78 15.41 0.52
CA PRO A 138 15.53 15.55 -0.27
C PRO A 138 15.70 15.16 -1.72
N GLY A 139 16.79 15.59 -2.36
CA GLY A 139 17.04 15.17 -3.74
C GLY A 139 17.21 13.67 -3.85
N LEU A 140 17.87 13.06 -2.86
CA LEU A 140 18.05 11.62 -2.88
C LEU A 140 16.73 10.89 -2.65
N THR A 141 15.88 11.43 -1.76
CA THR A 141 14.53 10.88 -1.61
C THR A 141 13.78 10.93 -2.94
N ALA A 142 13.93 12.02 -3.68
CA ALA A 142 13.25 12.16 -4.97
C ALA A 142 13.77 11.16 -5.98
N TYR A 143 15.10 11.01 -6.07
CA TYR A 143 15.68 10.08 -7.04
C TYR A 143 15.24 8.65 -6.76
N ALA A 144 15.27 8.24 -5.49
CA ALA A 144 14.92 6.87 -5.14
C ALA A 144 13.47 6.57 -5.48
N GLY A 145 12.56 7.48 -5.11
CA GLY A 145 11.16 7.24 -5.38
C GLY A 145 10.85 7.15 -6.87
N PHE A 146 11.49 7.99 -7.67
CA PHE A 146 11.17 8.03 -9.09
C PHE A 146 11.88 6.92 -9.88
N TYR A 147 13.15 6.67 -9.60
CA TYR A 147 13.93 5.74 -10.40
C TYR A 147 14.01 4.34 -9.82
N GLU A 148 13.70 4.16 -8.53
CA GLU A 148 13.79 2.85 -7.91
C GLU A 148 12.45 2.29 -7.45
N ILE A 149 11.44 3.15 -7.26
CA ILE A 149 10.16 2.73 -6.70
C ILE A 149 9.04 2.81 -7.73
N SER A 150 8.94 3.93 -8.45
CA SER A 150 7.71 4.28 -9.15
C SER A 150 7.51 3.57 -10.48
N SER A 151 8.60 3.11 -11.14
CA SER A 151 8.53 2.39 -12.41
C SER A 151 7.91 3.20 -13.53
N PRO A 152 8.28 4.46 -13.73
CA PRO A 152 7.53 5.31 -14.67
C PRO A 152 7.78 4.92 -16.11
N LYS A 153 6.75 5.11 -16.93
CA LYS A 153 6.84 4.99 -18.37
C LYS A 153 6.42 6.30 -19.01
N GLU A 154 6.90 6.56 -20.22
CA GLU A 154 6.59 7.81 -20.88
C GLU A 154 5.11 7.89 -21.23
N GLY A 155 4.55 9.09 -21.14
CA GLY A 155 3.13 9.30 -21.40
C GLY A 155 2.21 9.00 -20.24
N GLU A 156 2.73 8.42 -19.15
CA GLU A 156 1.90 8.16 -18.00
C GLU A 156 1.56 9.45 -17.27
N THR A 157 0.39 9.48 -16.64
CA THR A 157 -0.06 10.64 -15.87
C THR A 157 0.46 10.51 -14.44
N VAL A 158 1.07 11.59 -13.95
CA VAL A 158 1.71 11.59 -12.64
C VAL A 158 1.13 12.73 -11.82
N PHE A 159 0.72 12.42 -10.58
CA PHE A 159 0.27 13.42 -9.62
C PHE A 159 1.27 13.50 -8.47
N VAL A 160 1.57 14.73 -8.04
CA VAL A 160 2.50 14.98 -6.94
C VAL A 160 1.83 15.90 -5.93
N SER A 161 1.67 15.44 -4.70
CA SER A 161 1.19 16.28 -3.61
C SER A 161 2.37 16.97 -2.93
N ALA A 162 2.08 18.12 -2.33
CA ALA A 162 3.13 19.00 -1.78
C ALA A 162 4.20 19.26 -2.83
N ALA A 163 3.75 19.53 -4.06
CA ALA A 163 4.66 19.59 -5.20
C ALA A 163 5.63 20.76 -5.12
N SER A 164 5.34 21.78 -4.31
CA SER A 164 6.28 22.87 -4.13
C SER A 164 7.35 22.56 -3.08
N GLY A 165 7.17 21.48 -2.32
CA GLY A 165 8.18 21.08 -1.36
C GLY A 165 9.43 20.54 -2.02
N ALA A 166 10.41 20.21 -1.18
CA ALA A 166 11.72 19.79 -1.68
C ALA A 166 11.62 18.52 -2.51
N VAL A 167 11.03 17.47 -1.96
CA VAL A 167 10.91 16.21 -2.68
C VAL A 167 9.96 16.35 -3.86
N GLY A 168 8.83 17.02 -3.65
CA GLY A 168 7.83 17.10 -4.70
C GLY A 168 8.31 17.86 -5.93
N GLN A 169 9.04 18.95 -5.72
CA GLN A 169 9.44 19.80 -6.84
C GLN A 169 10.48 19.14 -7.74
N LEU A 170 11.03 17.99 -7.34
CA LEU A 170 12.07 17.34 -8.13
C LEU A 170 11.66 16.00 -8.71
N VAL A 171 10.73 15.27 -8.09
CA VAL A 171 10.17 14.10 -8.76
C VAL A 171 9.24 14.54 -9.88
N GLY A 172 8.43 15.57 -9.63
CA GLY A 172 7.58 16.11 -10.67
C GLY A 172 8.39 16.60 -11.87
N GLN A 173 9.61 17.06 -11.62
CA GLN A 173 10.49 17.45 -12.72
C GLN A 173 11.19 16.24 -13.34
N PHE A 174 11.57 15.26 -12.52
CA PHE A 174 12.04 13.99 -13.06
C PHE A 174 10.98 13.35 -13.96
N ALA A 175 9.70 13.50 -13.58
CA ALA A 175 8.64 12.91 -14.38
C ALA A 175 8.48 13.63 -15.71
N LYS A 176 8.59 14.97 -15.70
CA LYS A 176 8.46 15.72 -16.95
C LYS A 176 9.58 15.36 -17.93
N LEU A 177 10.82 15.24 -17.43
CA LEU A 177 11.95 14.93 -18.29
C LEU A 177 11.88 13.52 -18.85
N SER A 178 11.04 12.65 -18.29
CA SER A 178 10.81 11.33 -18.85
C SER A 178 9.60 11.28 -19.76
N GLY A 179 8.92 12.41 -19.98
CA GLY A 179 7.78 12.44 -20.87
C GLY A 179 6.45 12.17 -20.23
N CYS A 180 6.30 12.44 -18.93
CA CYS A 180 5.06 12.20 -18.22
C CYS A 180 4.20 13.46 -18.20
N TYR A 181 2.89 13.25 -18.18
CA TYR A 181 1.95 14.34 -17.89
C TYR A 181 1.89 14.52 -16.39
N VAL A 182 2.32 15.67 -15.90
CA VAL A 182 2.55 15.89 -14.48
C VAL A 182 1.68 17.04 -13.98
N VAL A 183 1.00 16.81 -12.86
CA VAL A 183 0.23 17.85 -12.18
C VAL A 183 0.60 17.82 -10.70
N GLY A 184 0.74 19.01 -10.12
CA GLY A 184 1.05 19.11 -8.70
C GLY A 184 0.01 19.88 -7.92
N SER A 185 -0.04 19.67 -6.60
CA SER A 185 -0.94 20.41 -5.73
C SER A 185 -0.13 21.21 -4.72
N ALA A 186 -0.61 22.40 -4.39
CA ALA A 186 0.07 23.28 -3.46
C ALA A 186 -0.97 24.14 -2.75
N GLY A 187 -0.50 24.95 -1.80
CA GLY A 187 -1.40 25.64 -0.89
C GLY A 187 -1.74 27.08 -1.21
N THR A 188 -0.95 27.74 -2.06
CA THR A 188 -1.18 29.15 -2.36
C THR A 188 -1.15 29.35 -3.88
N LYS A 189 -1.58 30.54 -4.30
CA LYS A 189 -1.56 30.89 -5.71
C LYS A 189 -0.14 30.99 -6.24
N ASP A 190 0.77 31.56 -5.43
CA ASP A 190 2.14 31.71 -5.87
C ASP A 190 2.82 30.35 -6.06
N LYS A 191 2.46 29.38 -5.21
CA LYS A 191 3.05 28.04 -5.35
C LYS A 191 2.53 27.34 -6.59
N VAL A 192 1.24 27.53 -6.91
CA VAL A 192 0.69 26.96 -8.14
C VAL A 192 1.37 27.59 -9.36
N ASP A 193 1.52 28.91 -9.35
CA ASP A 193 2.19 29.59 -10.45
C ASP A 193 3.65 29.20 -10.55
N MET A 194 4.26 28.82 -9.43
CA MET A 194 5.67 28.42 -9.45
C MET A 194 5.84 27.04 -10.07
N LEU A 195 4.91 26.12 -9.80
CA LEU A 195 5.00 24.78 -10.38
C LEU A 195 4.82 24.82 -11.89
N LYS A 196 4.00 25.73 -12.40
CA LYS A 196 3.74 25.77 -13.84
C LYS A 196 4.77 26.60 -14.58
N ASN A 197 5.17 27.74 -14.02
CA ASN A 197 6.03 28.68 -14.73
C ASN A 197 7.52 28.39 -14.54
N LYS A 198 7.91 27.71 -13.47
CA LYS A 198 9.32 27.48 -13.20
C LYS A 198 9.70 26.00 -13.18
N PHE A 199 8.84 25.14 -12.64
CA PHE A 199 9.14 23.72 -12.58
C PHE A 199 8.59 22.94 -13.77
N GLY A 200 7.97 23.62 -14.73
CA GLY A 200 7.51 22.96 -15.94
C GLY A 200 6.42 21.94 -15.77
N PHE A 201 5.61 22.08 -14.72
CA PHE A 201 4.46 21.18 -14.56
C PHE A 201 3.43 21.47 -15.65
N ASP A 202 2.78 20.40 -16.13
CA ASP A 202 1.72 20.59 -17.12
C ASP A 202 0.60 21.44 -16.55
N ASP A 203 0.15 21.13 -15.33
CA ASP A 203 -0.82 21.95 -14.64
C ASP A 203 -0.59 21.80 -13.14
N ALA A 204 -1.37 22.56 -12.37
CA ALA A 204 -1.30 22.53 -10.92
C ALA A 204 -2.55 23.21 -10.38
N PHE A 205 -2.94 22.85 -9.16
CA PHE A 205 -4.11 23.46 -8.54
C PHE A 205 -3.86 23.69 -7.05
N ASN A 206 -4.62 24.62 -6.50
CA ASN A 206 -4.57 24.98 -5.08
C ASN A 206 -5.63 24.16 -4.36
N TYR A 207 -5.19 23.25 -3.49
CA TYR A 207 -6.14 22.33 -2.86
C TYR A 207 -7.05 23.02 -1.86
N LYS A 208 -6.70 24.22 -1.40
CA LYS A 208 -7.60 24.97 -0.53
C LYS A 208 -8.75 25.56 -1.32
N GLU A 209 -8.49 26.05 -2.52
CA GLU A 209 -9.50 26.70 -3.34
C GLU A 209 -10.29 25.73 -4.22
N GLU A 210 -9.87 24.49 -4.33
CA GLU A 210 -10.66 23.45 -4.99
C GLU A 210 -10.93 22.36 -3.96
N HIS A 211 -11.85 22.68 -3.04
CA HIS A 211 -12.13 21.87 -1.86
C HIS A 211 -12.70 20.50 -2.22
N ASP A 212 -13.52 20.42 -3.28
CA ASP A 212 -13.93 19.12 -3.77
C ASP A 212 -12.74 18.46 -4.45
N LEU A 213 -11.97 17.66 -3.69
CA LEU A 213 -10.75 17.09 -4.22
C LEU A 213 -11.03 16.07 -5.32
N ASP A 214 -12.12 15.30 -5.18
CA ASP A 214 -12.48 14.35 -6.22
C ASP A 214 -12.75 15.04 -7.55
N ALA A 215 -13.49 16.15 -7.50
CA ALA A 215 -13.77 16.89 -8.72
C ALA A 215 -12.51 17.54 -9.28
N ALA A 216 -11.63 18.02 -8.41
CA ALA A 216 -10.38 18.60 -8.87
C ALA A 216 -9.53 17.56 -9.59
N LEU A 217 -9.41 16.36 -9.02
CA LEU A 217 -8.61 15.32 -9.65
C LEU A 217 -9.23 14.83 -10.94
N LYS A 218 -10.55 14.69 -10.98
CA LYS A 218 -11.23 14.32 -12.23
C LYS A 218 -11.04 15.39 -13.29
N ARG A 219 -10.98 16.66 -12.88
CA ARG A 219 -10.83 17.75 -13.84
C ARG A 219 -9.45 17.73 -14.49
N TYR A 220 -8.40 17.48 -13.70
CA TYR A 220 -7.03 17.46 -14.23
C TYR A 220 -6.58 16.07 -14.68
N PHE A 221 -7.27 15.02 -14.25
CA PHE A 221 -6.95 13.64 -14.68
C PHE A 221 -8.22 12.98 -15.18
N PRO A 222 -8.71 13.38 -16.36
CA PRO A 222 -9.97 12.81 -16.86
C PRO A 222 -9.90 11.31 -17.10
N GLU A 223 -8.72 10.74 -17.28
CA GLU A 223 -8.57 9.32 -17.54
C GLU A 223 -7.86 8.59 -16.39
N GLY A 224 -7.69 9.23 -15.24
CA GLY A 224 -7.08 8.60 -14.09
C GLY A 224 -5.62 8.96 -13.93
N ILE A 225 -5.03 8.40 -12.87
CA ILE A 225 -3.66 8.68 -12.49
C ILE A 225 -2.86 7.38 -12.58
N ASP A 226 -1.70 7.45 -13.25
CA ASP A 226 -0.83 6.29 -13.34
C ASP A 226 0.08 6.17 -12.11
N ILE A 227 0.65 7.28 -11.66
CA ILE A 227 1.59 7.29 -10.54
C ILE A 227 1.25 8.45 -9.62
N TYR A 228 1.04 8.15 -8.35
CA TYR A 228 0.86 9.18 -7.33
C TYR A 228 2.09 9.19 -6.43
N PHE A 229 2.82 10.29 -6.43
CA PHE A 229 3.91 10.50 -5.49
C PHE A 229 3.30 11.16 -4.25
N ASP A 230 3.08 10.36 -3.21
CA ASP A 230 2.39 10.82 -2.02
C ASP A 230 3.38 11.46 -1.06
N ASN A 231 3.14 12.73 -0.73
CA ASN A 231 3.92 13.42 0.29
C ASN A 231 3.09 13.84 1.49
N VAL A 232 1.77 13.66 1.46
CA VAL A 232 0.90 14.17 2.52
C VAL A 232 0.02 13.07 3.08
N GLY A 233 -0.37 12.11 2.24
CA GLY A 233 -1.32 11.10 2.69
C GLY A 233 -2.67 11.72 3.01
N GLY A 234 -3.38 11.09 3.94
CA GLY A 234 -4.59 11.70 4.48
C GLY A 234 -5.68 11.83 3.44
N LYS A 235 -6.47 12.91 3.56
CA LYS A 235 -7.63 13.10 2.69
C LYS A 235 -7.23 13.25 1.24
N MET A 236 -6.04 13.79 0.97
CA MET A 236 -5.57 13.88 -0.41
C MET A 236 -5.31 12.49 -0.99
N LEU A 237 -4.68 11.61 -0.20
CA LEU A 237 -4.49 10.23 -0.62
C LEU A 237 -5.83 9.52 -0.79
N ASP A 238 -6.80 9.86 0.07
CA ASP A 238 -8.12 9.24 -0.05
C ASP A 238 -8.81 9.66 -1.34
N ALA A 239 -8.71 10.93 -1.71
CA ALA A 239 -9.31 11.40 -2.95
C ALA A 239 -8.61 10.81 -4.17
N VAL A 240 -7.31 10.53 -4.06
CA VAL A 240 -6.54 10.02 -5.19
C VAL A 240 -6.93 8.58 -5.49
N LEU A 241 -7.23 7.80 -4.47
CA LEU A 241 -7.36 6.35 -4.62
C LEU A 241 -8.40 5.94 -5.66
N PRO A 242 -9.63 6.47 -5.67
CA PRO A 242 -10.57 6.09 -6.74
C PRO A 242 -10.27 6.75 -8.08
N ASN A 243 -9.26 7.61 -8.15
CA ASN A 243 -8.88 8.26 -9.40
C ASN A 243 -7.63 7.66 -10.02
N MET A 244 -7.05 6.63 -9.40
CA MET A 244 -5.91 5.97 -10.00
C MET A 244 -6.34 5.18 -11.24
N LYS A 245 -5.36 4.81 -12.04
CA LYS A 245 -5.60 3.90 -13.15
C LYS A 245 -5.42 2.46 -12.68
N THR A 246 -5.92 1.52 -13.48
CA THR A 246 -5.65 0.12 -13.22
C THR A 246 -4.15 -0.12 -13.22
N LYS A 247 -3.70 -0.93 -12.27
CA LYS A 247 -2.27 -1.23 -12.08
C LYS A 247 -1.46 0.04 -11.81
N GLY A 248 -2.12 1.06 -11.27
CA GLY A 248 -1.40 2.26 -10.89
C GLY A 248 -0.49 2.05 -9.70
N ARG A 249 0.45 2.97 -9.52
CA ARG A 249 1.46 2.86 -8.48
C ARG A 249 1.43 4.12 -7.61
N ILE A 250 1.59 3.92 -6.31
CA ILE A 250 1.66 5.01 -5.35
C ILE A 250 2.97 4.87 -4.59
N ALA A 251 3.86 5.83 -4.78
CA ALA A 251 5.12 5.88 -4.05
C ALA A 251 4.92 6.77 -2.84
N THR A 252 4.93 6.18 -1.66
CA THR A 252 4.73 6.91 -0.41
C THR A 252 6.05 7.58 -0.03
N CYS A 253 6.28 8.75 -0.61
CA CYS A 253 7.52 9.49 -0.35
C CYS A 253 7.54 10.12 1.02
N GLY A 254 6.37 10.45 1.56
CA GLY A 254 6.29 11.08 2.87
C GLY A 254 4.84 11.23 3.24
N MET A 255 4.61 11.68 4.48
CA MET A 255 3.25 11.80 4.97
C MET A 255 3.21 12.72 6.17
N ILE A 256 2.26 13.64 6.18
CA ILE A 256 1.98 14.47 7.34
C ILE A 256 0.71 13.93 8.00
N SER A 257 0.86 13.45 9.23
CA SER A 257 -0.14 12.66 9.98
C SER A 257 -1.39 12.22 9.20
N GLU A 265 -6.73 12.30 9.29
CA GLU A 265 -8.00 11.87 8.71
C GLU A 265 -7.92 10.43 8.24
N GLY A 266 -8.92 9.62 8.60
CA GLY A 266 -8.92 8.22 8.24
C GLY A 266 -9.13 8.03 6.75
N VAL A 267 -8.31 7.17 6.15
CA VAL A 267 -8.44 6.82 4.74
C VAL A 267 -9.46 5.71 4.62
N ARG A 268 -10.44 5.88 3.72
CA ARG A 268 -11.54 4.94 3.59
C ARG A 268 -11.69 4.32 2.22
N ASN A 269 -10.89 4.74 1.23
CA ASN A 269 -10.98 4.21 -0.12
C ASN A 269 -9.87 3.20 -0.42
N LEU A 270 -9.36 2.52 0.61
CA LEU A 270 -8.34 1.51 0.42
C LEU A 270 -8.85 0.29 -0.33
N PHE A 271 -10.17 0.16 -0.50
CA PHE A 271 -10.69 -0.91 -1.35
C PHE A 271 -10.25 -0.76 -2.80
N CYS A 272 -9.89 0.46 -3.21
CA CYS A 272 -9.38 0.68 -4.56
C CYS A 272 -8.04 -0.01 -4.79
N ILE A 273 -7.28 -0.27 -3.73
CA ILE A 273 -6.03 -1.02 -3.87
C ILE A 273 -6.29 -2.36 -4.54
N MET A 274 -7.37 -3.04 -4.14
CA MET A 274 -7.72 -4.31 -4.76
C MET A 274 -8.51 -4.10 -6.05
N THR A 275 -9.47 -3.16 -6.03
CA THR A 275 -10.31 -2.91 -7.20
C THR A 275 -9.48 -2.53 -8.42
N LYS A 276 -8.46 -1.70 -8.22
CA LYS A 276 -7.64 -1.21 -9.33
C LYS A 276 -6.27 -1.85 -9.40
N GLN A 277 -5.98 -2.84 -8.54
CA GLN A 277 -4.70 -3.55 -8.54
C GLN A 277 -3.53 -2.57 -8.40
N ILE A 278 -3.62 -1.72 -7.39
CA ILE A 278 -2.62 -0.68 -7.16
C ILE A 278 -1.50 -1.26 -6.29
N ARG A 279 -0.27 -0.84 -6.58
CA ARG A 279 0.86 -1.11 -5.71
C ARG A 279 1.20 0.17 -4.96
N MET A 280 1.10 0.11 -3.63
CA MET A 280 1.48 1.22 -2.76
C MET A 280 2.69 0.81 -1.96
N GLN A 281 3.80 1.53 -2.13
CA GLN A 281 5.07 1.14 -1.55
C GLN A 281 5.74 2.35 -0.90
N GLY A 282 6.14 2.18 0.36
CA GLY A 282 6.87 3.21 1.07
C GLY A 282 8.35 2.90 1.12
N TYR A 283 9.13 3.92 1.45
CA TYR A 283 10.57 3.80 1.47
C TYR A 283 11.16 4.92 2.32
N LEU A 284 12.35 4.67 2.86
CA LEU A 284 13.10 5.66 3.61
C LEU A 284 14.42 5.92 2.89
N VAL A 285 14.73 7.20 2.69
CA VAL A 285 15.91 7.58 1.92
C VAL A 285 17.18 7.04 2.56
N TYR A 286 17.17 6.85 3.88
CA TYR A 286 18.35 6.38 4.61
C TYR A 286 18.79 4.98 4.17
N TYR A 287 17.96 4.25 3.42
CA TYR A 287 18.33 2.96 2.86
C TYR A 287 18.85 3.08 1.43
N TYR A 288 19.08 4.29 0.95
CA TYR A 288 19.51 4.50 -0.43
C TYR A 288 20.66 5.50 -0.54
N ARG A 289 21.53 5.55 0.48
CA ARG A 289 22.68 6.43 0.41
C ARG A 289 23.63 6.02 -0.72
N HIS A 290 23.60 4.74 -1.12
CA HIS A 290 24.45 4.26 -2.19
C HIS A 290 24.11 4.87 -3.55
N LEU A 291 22.95 5.52 -3.67
CA LEU A 291 22.53 6.13 -4.93
C LEU A 291 22.99 7.58 -5.06
N TYR A 292 23.71 8.12 -4.09
CA TYR A 292 24.18 9.50 -4.15
C TYR A 292 24.94 9.81 -5.44
N PRO A 293 25.96 9.04 -5.85
CA PRO A 293 26.62 9.35 -7.13
C PRO A 293 25.66 9.39 -8.31
N LYS A 294 24.69 8.48 -8.36
CA LYS A 294 23.69 8.52 -9.43
C LYS A 294 22.93 9.84 -9.42
N LEU A 295 22.60 10.34 -8.23
CA LEU A 295 21.88 11.61 -8.13
C LEU A 295 22.73 12.76 -8.67
N PHE A 296 23.98 12.85 -8.23
CA PHE A 296 24.84 13.93 -8.70
C PHE A 296 25.11 13.82 -10.20
N ASP A 297 25.37 12.60 -10.69
CA ASP A 297 25.58 12.39 -12.11
C ASP A 297 24.42 12.93 -12.94
N LEU A 298 23.19 12.76 -12.45
CA LEU A 298 22.01 13.16 -13.21
C LEU A 298 21.71 14.65 -13.04
N VAL A 299 21.72 15.14 -11.81
CA VAL A 299 21.15 16.46 -11.52
C VAL A 299 22.12 17.60 -11.78
N VAL A 300 23.42 17.40 -11.52
CA VAL A 300 24.38 18.49 -11.72
C VAL A 300 24.39 19.01 -13.15
N PRO A 301 24.48 18.15 -14.19
CA PRO A 301 24.41 18.71 -15.57
C PRO A 301 23.09 19.38 -15.88
N LEU A 302 21.97 18.81 -15.41
CA LEU A 302 20.66 19.43 -15.65
C LEU A 302 20.57 20.79 -14.98
N LEU A 303 21.29 21.01 -13.89
CA LEU A 303 21.28 22.31 -13.22
C LEU A 303 22.02 23.35 -14.04
N ARG A 304 23.23 23.02 -14.51
CA ARG A 304 24.00 23.96 -15.31
C ARG A 304 23.29 24.31 -16.61
N GLN A 305 22.68 23.32 -17.26
CA GLN A 305 21.94 23.55 -18.49
C GLN A 305 20.59 24.21 -18.27
N GLY A 306 20.22 24.49 -17.02
CA GLY A 306 18.94 25.09 -16.76
C GLY A 306 17.74 24.21 -17.04
N LYS A 307 17.96 22.91 -17.19
CA LYS A 307 16.85 21.99 -17.44
C LYS A 307 16.04 21.72 -16.18
N ILE A 308 16.66 21.80 -15.01
CA ILE A 308 15.98 21.62 -13.74
C ILE A 308 16.23 22.84 -12.86
N ASN A 309 15.20 23.26 -12.14
CA ASN A 309 15.26 24.39 -11.24
C ASN A 309 15.08 23.91 -9.80
N TYR A 310 15.50 24.76 -8.88
CA TYR A 310 15.44 24.43 -7.45
C TYR A 310 15.13 25.70 -6.68
N VAL A 311 14.03 25.70 -5.95
CA VAL A 311 13.59 26.85 -5.17
C VAL A 311 13.78 26.53 -3.70
N GLU A 312 14.48 27.41 -2.98
CA GLU A 312 14.71 27.23 -1.55
C GLU A 312 14.23 28.46 -0.79
N ASP A 313 13.91 28.23 0.47
CA ASP A 313 13.51 29.28 1.40
C ASP A 313 14.62 29.46 2.42
N VAL A 314 15.29 30.61 2.38
CA VAL A 314 16.47 30.86 3.21
C VAL A 314 16.07 31.81 4.32
N ALA A 315 16.00 31.30 5.55
CA ALA A 315 15.86 32.12 6.74
C ALA A 315 17.25 32.49 7.25
N GLU A 316 17.39 33.72 7.74
CA GLU A 316 18.70 34.25 8.09
C GLU A 316 18.87 34.32 9.60
N GLY A 317 20.05 33.92 10.07
CA GLY A 317 20.35 33.91 11.48
C GLY A 317 19.89 32.64 12.16
N LEU A 318 20.73 32.11 13.05
CA LEU A 318 20.33 30.95 13.83
C LEU A 318 19.09 31.24 14.67
N GLU A 319 18.92 32.50 15.08
CA GLU A 319 17.78 32.88 15.91
C GLU A 319 16.45 32.69 15.19
N SER A 320 16.44 32.71 13.87
CA SER A 320 15.22 32.51 13.11
C SER A 320 14.90 31.05 12.86
N ALA A 321 15.75 30.13 13.31
CA ALA A 321 15.53 28.71 13.04
C ALA A 321 14.28 28.15 13.70
N PRO A 322 13.92 28.50 14.95
CA PRO A 322 12.64 28.00 15.49
C PRO A 322 11.44 28.38 14.64
N ALA A 323 11.35 29.63 14.20
CA ALA A 323 10.19 30.06 13.41
C ALA A 323 10.20 29.41 12.03
N ALA A 324 11.40 29.23 11.44
CA ALA A 324 11.47 28.59 10.14
C ALA A 324 11.03 27.13 10.20
N LEU A 325 11.34 26.45 11.31
CA LEU A 325 10.96 25.06 11.46
C LEU A 325 9.44 24.93 11.62
N ILE A 326 8.84 25.75 12.48
CA ILE A 326 7.39 25.71 12.68
C ILE A 326 6.67 26.13 11.40
N GLY A 327 7.18 27.17 10.72
CA GLY A 327 6.57 27.60 9.48
C GLY A 327 6.55 26.51 8.42
N LEU A 328 7.59 25.68 8.39
CA LEU A 328 7.59 24.53 7.49
C LEU A 328 6.48 23.57 7.84
N PHE A 329 6.32 23.28 9.14
CA PHE A 329 5.25 22.39 9.58
C PHE A 329 3.88 23.00 9.30
N SER A 330 3.79 24.33 9.25
CA SER A 330 2.55 25.02 8.98
C SER A 330 2.36 25.35 7.50
N GLY A 331 3.27 24.91 6.63
CA GLY A 331 3.12 25.16 5.21
C GLY A 331 3.43 26.57 4.77
N ARG A 332 4.08 27.36 5.60
CA ARG A 332 4.41 28.74 5.26
C ARG A 332 5.71 28.87 4.48
N ASN A 333 6.47 27.79 4.33
CA ASN A 333 7.69 27.83 3.54
C ASN A 333 7.37 27.89 2.06
N VAL A 334 8.27 28.50 1.30
CA VAL A 334 8.19 28.49 -0.16
C VAL A 334 9.38 27.71 -0.69
N GLY A 335 9.20 26.42 -0.92
CA GLY A 335 10.30 25.56 -1.31
C GLY A 335 11.01 24.97 -0.11
N LYS A 336 12.17 24.38 -0.39
CA LYS A 336 12.97 23.77 0.67
C LYS A 336 13.41 24.83 1.67
N GLN A 337 13.25 24.53 2.96
CA GLN A 337 13.49 25.49 4.03
C GLN A 337 14.89 25.27 4.62
N VAL A 338 15.73 26.30 4.52
CA VAL A 338 17.07 26.27 5.06
C VAL A 338 17.27 27.47 5.99
N VAL A 339 18.34 27.42 6.77
CA VAL A 339 18.69 28.49 7.70
C VAL A 339 20.17 28.79 7.54
N ARG A 340 20.49 30.01 7.11
CA ARG A 340 21.88 30.45 7.01
C ARG A 340 22.36 30.87 8.40
N VAL A 341 23.34 30.15 8.92
CA VAL A 341 23.91 30.47 10.23
C VAL A 341 25.09 31.42 10.11
N ALA A 342 25.98 31.16 9.15
CA ALA A 342 27.11 32.03 8.89
C ALA A 342 27.56 31.81 7.46
N THR A 343 28.38 32.72 6.95
CA THR A 343 28.89 32.63 5.59
C THR A 343 30.26 31.95 5.59
N GLU A 344 30.87 31.90 4.41
CA GLU A 344 32.12 31.18 4.11
C GLU A 344 31.88 29.68 3.92
N VAL B 2 -36.98 -33.93 -28.35
CA VAL B 2 -36.18 -33.28 -27.33
C VAL B 2 -36.98 -33.06 -26.05
N GLU B 3 -36.35 -33.34 -24.91
CA GLU B 3 -37.04 -33.22 -23.63
C GLU B 3 -37.19 -31.75 -23.23
N GLU B 4 -38.34 -31.41 -22.67
CA GLU B 4 -38.59 -30.10 -22.08
C GLU B 4 -38.90 -30.32 -20.60
N VAL B 5 -38.04 -29.79 -19.73
CA VAL B 5 -38.12 -30.03 -18.30
C VAL B 5 -38.30 -28.72 -17.57
N SER B 6 -38.66 -28.82 -16.29
CA SER B 6 -38.71 -27.65 -15.42
C SER B 6 -37.29 -27.27 -15.02
N ASN B 7 -37.09 -25.96 -14.82
CA ASN B 7 -35.79 -25.41 -14.46
C ASN B 7 -35.99 -24.48 -13.27
N LYS B 8 -35.79 -25.01 -12.07
CA LYS B 8 -35.85 -24.18 -10.88
C LYS B 8 -34.74 -23.13 -10.93
N GLN B 9 -35.07 -21.91 -10.51
CA GLN B 9 -34.15 -20.78 -10.60
C GLN B 9 -34.22 -19.95 -9.33
N ILE B 10 -33.08 -19.38 -8.96
CA ILE B 10 -33.00 -18.41 -7.88
C ILE B 10 -32.94 -17.03 -8.53
N ILE B 11 -34.05 -16.31 -8.52
CA ILE B 11 -34.18 -15.03 -9.19
C ILE B 11 -33.81 -13.91 -8.21
N PHE B 12 -33.09 -12.90 -8.72
CA PHE B 12 -32.78 -11.71 -7.94
C PHE B 12 -33.97 -10.76 -7.98
N LYS B 13 -34.49 -10.41 -6.81
CA LYS B 13 -35.70 -9.60 -6.74
C LYS B 13 -35.46 -8.17 -7.22
N ASP B 14 -34.76 -7.37 -6.42
CA ASP B 14 -34.49 -5.99 -6.78
C ASP B 14 -33.33 -5.48 -5.94
N TYR B 15 -32.77 -4.35 -6.38
CA TYR B 15 -31.65 -3.76 -5.67
C TYR B 15 -32.07 -3.35 -4.26
N ILE B 16 -31.11 -3.43 -3.33
CA ILE B 16 -31.39 -3.22 -1.91
C ILE B 16 -30.41 -2.19 -1.35
N ASN B 17 -30.76 -1.67 -0.18
CA ASN B 17 -29.92 -0.73 0.54
C ASN B 17 -29.51 -1.19 1.92
N GLY B 18 -30.21 -2.15 2.53
CA GLY B 18 -29.85 -2.71 3.81
C GLY B 18 -29.11 -4.03 3.68
N PHE B 19 -29.01 -4.72 4.79
CA PHE B 19 -28.38 -6.04 4.80
C PHE B 19 -29.23 -7.01 3.99
N PRO B 20 -28.62 -7.83 3.13
CA PRO B 20 -29.38 -8.72 2.27
C PRO B 20 -30.17 -9.75 3.08
N LYS B 21 -31.37 -10.06 2.58
CA LYS B 21 -32.24 -11.03 3.21
C LYS B 21 -32.53 -12.17 2.23
N GLU B 22 -33.03 -13.28 2.79
CA GLU B 22 -33.52 -14.36 1.94
C GLU B 22 -34.66 -13.88 1.04
N SER B 23 -35.39 -12.86 1.50
CA SER B 23 -36.49 -12.30 0.72
C SER B 23 -36.02 -11.63 -0.57
N ASP B 24 -34.74 -11.29 -0.68
CA ASP B 24 -34.22 -10.66 -1.89
C ASP B 24 -33.99 -11.65 -3.02
N MET B 25 -34.16 -12.95 -2.78
CA MET B 25 -34.11 -13.96 -3.82
C MET B 25 -35.39 -14.77 -3.76
N ILE B 26 -35.90 -15.17 -4.93
CA ILE B 26 -37.16 -15.89 -5.02
C ILE B 26 -36.95 -17.12 -5.89
N LEU B 27 -37.42 -18.27 -5.42
CA LEU B 27 -37.35 -19.51 -6.17
C LEU B 27 -38.46 -19.52 -7.22
N LYS B 28 -38.06 -19.67 -8.49
CA LYS B 28 -39.00 -19.63 -9.60
C LYS B 28 -38.80 -20.88 -10.45
N THR B 29 -39.90 -21.57 -10.75
CA THR B 29 -39.88 -22.77 -11.58
C THR B 29 -40.29 -22.39 -12.99
N SER B 30 -39.32 -22.33 -13.89
CA SER B 30 -39.55 -22.08 -15.30
C SER B 30 -39.41 -23.37 -16.09
N THR B 31 -39.25 -23.27 -17.40
CA THR B 31 -39.07 -24.43 -18.25
C THR B 31 -37.90 -24.19 -19.20
N ILE B 32 -37.38 -25.28 -19.74
CA ILE B 32 -36.27 -25.22 -20.69
C ILE B 32 -36.27 -26.50 -21.50
N LYS B 33 -35.89 -26.38 -22.78
CA LYS B 33 -35.69 -27.54 -23.63
C LYS B 33 -34.22 -27.93 -23.60
N LEU B 34 -33.96 -29.23 -23.39
CA LEU B 34 -32.60 -29.72 -23.16
C LEU B 34 -31.84 -29.88 -24.47
N LYS B 35 -31.65 -28.74 -25.16
CA LYS B 35 -30.91 -28.71 -26.40
C LYS B 35 -30.55 -27.27 -26.71
N VAL B 36 -29.37 -27.07 -27.27
CA VAL B 36 -28.98 -25.72 -27.71
C VAL B 36 -29.87 -25.31 -28.89
N PRO B 37 -30.47 -24.12 -28.87
CA PRO B 37 -31.37 -23.75 -29.97
C PRO B 37 -30.62 -23.69 -31.30
N GLU B 38 -31.33 -24.04 -32.37
CA GLU B 38 -30.75 -23.95 -33.70
C GLU B 38 -30.59 -22.50 -34.10
N GLY B 39 -29.44 -22.18 -34.71
CA GLY B 39 -29.03 -20.81 -34.91
C GLY B 39 -28.20 -20.24 -33.78
N CYS B 40 -28.30 -20.82 -32.59
CA CYS B 40 -27.47 -20.45 -31.46
C CYS B 40 -26.14 -21.17 -31.61
N ASN B 41 -25.11 -20.45 -32.05
CA ASN B 41 -23.79 -21.03 -32.27
C ASN B 41 -22.80 -20.51 -31.23
N ASP B 42 -21.76 -21.30 -31.00
CA ASP B 42 -20.75 -21.03 -29.97
C ASP B 42 -21.39 -20.94 -28.59
N ALA B 43 -22.40 -21.77 -28.36
CA ALA B 43 -23.09 -21.82 -27.09
C ALA B 43 -22.95 -23.20 -26.47
N VAL B 44 -23.14 -23.26 -25.14
CA VAL B 44 -23.04 -24.50 -24.38
C VAL B 44 -24.21 -24.57 -23.42
N LEU B 45 -25.01 -25.63 -23.51
CA LEU B 45 -26.06 -25.90 -22.53
C LEU B 45 -25.49 -26.82 -21.46
N VAL B 46 -25.62 -26.40 -20.21
CA VAL B 46 -25.03 -27.13 -19.09
C VAL B 46 -26.11 -27.47 -18.08
N LYS B 47 -25.82 -28.51 -17.29
CA LYS B 47 -26.57 -28.82 -16.09
C LYS B 47 -25.67 -28.51 -14.89
N ASN B 48 -26.14 -27.64 -14.01
CA ASN B 48 -25.31 -27.16 -12.92
C ASN B 48 -25.28 -28.17 -11.78
N LEU B 49 -24.08 -28.45 -11.28
CA LEU B 49 -23.87 -29.40 -10.18
C LEU B 49 -23.49 -28.72 -8.87
N TYR B 50 -22.62 -27.71 -8.92
CA TYR B 50 -22.18 -27.00 -7.72
C TYR B 50 -22.14 -25.52 -8.00
N LEU B 51 -22.54 -24.72 -7.02
CA LEU B 51 -22.53 -23.26 -7.12
C LEU B 51 -21.69 -22.68 -6.01
N SER B 52 -20.97 -21.61 -6.33
CA SER B 52 -20.10 -20.94 -5.37
C SER B 52 -20.85 -19.78 -4.72
N CYS B 53 -20.77 -19.70 -3.40
CA CYS B 53 -21.21 -18.53 -2.66
C CYS B 53 -19.98 -17.70 -2.32
N ASP B 54 -19.93 -16.48 -2.83
CA ASP B 54 -18.75 -15.65 -2.64
C ASP B 54 -19.12 -14.32 -1.97
N PRO B 55 -18.20 -13.74 -1.20
CA PRO B 55 -18.51 -12.46 -0.54
C PRO B 55 -18.65 -11.29 -1.49
N TYR B 56 -17.98 -11.31 -2.64
CA TYR B 56 -18.11 -10.21 -3.60
C TYR B 56 -19.54 -10.07 -4.13
N MET B 57 -20.37 -11.10 -3.97
CA MET B 57 -21.70 -11.08 -4.58
C MET B 57 -22.68 -10.18 -3.84
N ARG B 58 -22.35 -9.77 -2.60
CA ARG B 58 -23.25 -8.88 -1.87
C ARG B 58 -23.31 -7.51 -2.52
N SER B 59 -22.17 -7.03 -3.04
CA SER B 59 -22.14 -5.74 -3.72
C SER B 59 -22.95 -5.75 -5.01
N ARG B 60 -23.15 -6.91 -5.62
CA ARG B 60 -23.93 -7.00 -6.85
C ARG B 60 -25.44 -6.86 -6.60
N MET B 61 -25.88 -6.80 -5.35
CA MET B 61 -27.29 -6.72 -5.02
C MET B 61 -27.78 -5.29 -4.82
N SER B 62 -26.93 -4.30 -5.07
CA SER B 62 -27.32 -2.89 -4.96
C SER B 62 -26.99 -2.19 -6.27
N LYS B 63 -27.74 -1.12 -6.56
CA LYS B 63 -27.52 -0.34 -7.78
C LYS B 63 -26.22 0.46 -7.67
N LEU B 64 -25.12 -0.22 -7.33
CA LEU B 64 -23.79 0.38 -7.39
C LEU B 64 -23.30 0.28 -8.82
N ASP B 65 -23.20 1.42 -9.50
CA ASP B 65 -22.64 1.44 -10.85
C ASP B 65 -21.42 2.35 -10.95
N ASN B 67 -19.32 -0.56 -10.57
CA ASN B 67 -19.34 -1.82 -11.30
C ASN B 67 -17.98 -2.50 -11.31
N TYR B 68 -17.33 -2.54 -10.13
CA TYR B 68 -16.13 -3.36 -9.99
C TYR B 68 -16.41 -4.79 -10.45
N VAL B 69 -17.50 -5.37 -9.95
CA VAL B 69 -18.03 -6.63 -10.42
C VAL B 69 -19.40 -6.35 -11.04
N PRO B 70 -19.72 -6.90 -12.21
CA PRO B 70 -20.98 -6.54 -12.87
C PRO B 70 -22.19 -6.78 -11.98
N ILE B 71 -23.16 -5.90 -12.12
CA ILE B 71 -24.32 -5.85 -11.23
C ILE B 71 -25.30 -6.97 -11.57
N PHE B 72 -25.99 -7.47 -10.55
CA PHE B 72 -27.09 -8.38 -10.79
C PHE B 72 -28.22 -7.64 -11.50
N ILE B 73 -28.86 -8.29 -12.45
CA ILE B 73 -29.98 -7.73 -13.19
C ILE B 73 -31.27 -8.25 -12.55
N PRO B 74 -32.11 -7.38 -11.99
CA PRO B 74 -33.32 -7.85 -11.31
C PRO B 74 -34.27 -8.53 -12.28
N GLY B 75 -34.94 -9.57 -11.79
CA GLY B 75 -35.75 -10.43 -12.62
C GLY B 75 -35.00 -11.57 -13.28
N SER B 76 -33.68 -11.51 -13.30
CA SER B 76 -32.81 -12.54 -13.85
C SER B 76 -32.33 -13.47 -12.75
N PRO B 77 -31.81 -14.64 -13.09
CA PRO B 77 -31.21 -15.52 -12.08
C PRO B 77 -29.90 -14.95 -11.57
N ILE B 78 -29.56 -15.36 -10.34
CA ILE B 78 -28.22 -15.09 -9.81
C ILE B 78 -27.21 -15.83 -10.66
N THR B 79 -26.06 -15.20 -10.90
CA THR B 79 -24.97 -15.82 -11.63
C THR B 79 -23.72 -15.83 -10.76
N GLY B 80 -22.83 -16.77 -11.05
CA GLY B 80 -21.59 -16.88 -10.31
C GLY B 80 -20.81 -18.09 -10.77
N ASP B 81 -19.67 -18.31 -10.10
CA ASP B 81 -18.82 -19.45 -10.42
C ASP B 81 -19.49 -20.75 -10.03
N GLY B 82 -19.23 -21.80 -10.81
CA GLY B 82 -19.85 -23.09 -10.52
C GLY B 82 -19.24 -24.20 -11.34
N VAL B 83 -19.68 -25.42 -11.02
CA VAL B 83 -19.30 -26.63 -11.73
C VAL B 83 -20.55 -27.16 -12.44
N ALA B 84 -20.41 -27.45 -13.73
CA ALA B 84 -21.56 -27.87 -14.53
C ALA B 84 -21.14 -28.96 -15.50
N LYS B 85 -22.14 -29.70 -15.99
CA LYS B 85 -21.92 -30.74 -16.99
C LYS B 85 -22.57 -30.33 -18.30
N VAL B 86 -21.81 -30.45 -19.39
CA VAL B 86 -22.30 -30.05 -20.71
C VAL B 86 -23.32 -31.09 -21.19
N LEU B 87 -24.54 -30.63 -21.45
CA LEU B 87 -25.58 -31.49 -22.00
C LEU B 87 -25.62 -31.43 -23.53
N ASP B 88 -25.43 -30.24 -24.10
CA ASP B 88 -25.33 -30.06 -25.54
C ASP B 88 -24.45 -28.85 -25.79
N SER B 89 -23.86 -28.81 -26.99
CA SER B 89 -22.95 -27.73 -27.32
C SER B 89 -22.99 -27.43 -28.81
N SER B 90 -23.07 -26.14 -29.15
CA SER B 90 -22.79 -25.65 -30.49
C SER B 90 -21.42 -24.98 -30.56
N HIS B 91 -20.54 -25.30 -29.62
CA HIS B 91 -19.21 -24.73 -29.52
C HIS B 91 -18.18 -25.83 -29.73
N PRO B 92 -17.16 -25.61 -30.58
CA PRO B 92 -16.26 -26.71 -30.93
C PRO B 92 -15.42 -27.24 -29.78
N ASP B 93 -15.21 -26.44 -28.72
CA ASP B 93 -14.30 -26.81 -27.65
C ASP B 93 -15.01 -27.46 -26.46
N PHE B 94 -16.27 -27.84 -26.61
CA PHE B 94 -17.02 -28.47 -25.54
C PHE B 94 -17.93 -29.55 -26.11
N LYS B 95 -18.03 -30.67 -25.40
CA LYS B 95 -18.82 -31.81 -25.86
C LYS B 95 -19.72 -32.29 -24.73
N ARG B 96 -20.73 -33.08 -25.10
CA ARG B 96 -21.58 -33.73 -24.12
C ARG B 96 -20.74 -34.54 -23.14
N GLY B 97 -21.08 -34.43 -21.85
CA GLY B 97 -20.33 -35.12 -20.82
C GLY B 97 -19.10 -34.40 -20.33
N ASP B 98 -18.70 -33.31 -20.97
CA ASP B 98 -17.60 -32.51 -20.47
C ASP B 98 -18.01 -31.80 -19.18
N LEU B 99 -17.12 -31.83 -18.19
CA LEU B 99 -17.33 -31.12 -16.93
C LEU B 99 -16.59 -29.80 -17.00
N ILE B 100 -17.28 -28.70 -16.69
CA ILE B 100 -16.75 -27.37 -16.84
C ILE B 100 -16.84 -26.63 -15.51
N ARG B 101 -16.03 -25.58 -15.40
CA ARG B 101 -16.09 -24.64 -14.28
C ARG B 101 -16.06 -23.23 -14.84
N GLY B 102 -16.80 -22.34 -14.20
CA GLY B 102 -16.85 -20.96 -14.64
C GLY B 102 -18.18 -20.33 -14.26
N ILE B 103 -18.49 -19.23 -14.93
CA ILE B 103 -19.69 -18.45 -14.62
C ILE B 103 -20.90 -19.15 -15.22
N THR B 104 -21.86 -19.51 -14.37
CA THR B 104 -23.10 -20.13 -14.80
C THR B 104 -24.25 -19.50 -14.02
N GLY B 105 -25.46 -20.02 -14.25
CA GLY B 105 -26.65 -19.49 -13.61
C GLY B 105 -27.02 -20.29 -12.37
N TRP B 106 -27.61 -19.58 -11.39
CA TRP B 106 -28.14 -20.21 -10.19
C TRP B 106 -29.47 -20.89 -10.53
N GLU B 107 -29.34 -22.01 -11.23
CA GLU B 107 -30.49 -22.73 -11.78
C GLU B 107 -30.05 -24.15 -12.07
N GLU B 108 -31.03 -25.00 -12.40
CA GLU B 108 -30.72 -26.38 -12.73
C GLU B 108 -30.04 -26.50 -14.08
N TYR B 109 -30.39 -25.64 -15.04
CA TYR B 109 -29.84 -25.69 -16.38
C TYR B 109 -29.59 -24.27 -16.88
N THR B 110 -28.48 -24.09 -17.58
CA THR B 110 -28.09 -22.78 -18.09
C THR B 110 -27.62 -22.89 -19.53
N LEU B 111 -28.06 -21.95 -20.36
CA LEU B 111 -27.56 -21.83 -21.73
C LEU B 111 -26.47 -20.77 -21.73
N ILE B 112 -25.22 -21.21 -21.69
CA ILE B 112 -24.07 -20.32 -21.67
C ILE B 112 -23.74 -19.96 -23.12
N GLN B 113 -24.05 -18.73 -23.52
CA GLN B 113 -23.78 -18.29 -24.87
C GLN B 113 -22.36 -17.77 -25.03
N SER B 114 -21.75 -17.27 -23.95
CA SER B 114 -20.41 -16.70 -24.03
C SER B 114 -19.37 -17.79 -24.32
N ALA B 115 -19.29 -18.79 -23.43
CA ALA B 115 -18.34 -19.89 -23.48
C ALA B 115 -16.91 -19.45 -23.17
N GLU B 116 -16.67 -18.13 -23.13
CA GLU B 116 -15.33 -17.64 -22.83
C GLU B 116 -15.00 -17.72 -21.35
N PHE B 117 -16.00 -17.69 -20.49
CA PHE B 117 -15.79 -17.68 -19.04
C PHE B 117 -15.91 -19.07 -18.42
N ILE B 118 -15.85 -20.12 -19.23
CA ILE B 118 -15.87 -21.49 -18.73
C ILE B 118 -14.64 -22.21 -19.24
N THR B 119 -14.22 -23.23 -18.48
CA THR B 119 -13.04 -24.01 -18.81
C THR B 119 -13.31 -25.47 -18.53
N LYS B 120 -12.79 -26.35 -19.39
CA LYS B 120 -12.89 -27.77 -19.16
C LYS B 120 -12.16 -28.14 -17.88
N ILE B 121 -12.77 -29.01 -17.08
CA ILE B 121 -12.15 -29.49 -15.86
C ILE B 121 -11.15 -30.59 -16.21
N GLN B 122 -9.96 -30.52 -15.60
CA GLN B 122 -8.84 -31.34 -16.02
C GLN B 122 -9.07 -32.83 -15.74
N HIS B 123 -9.57 -33.16 -14.56
CA HIS B 123 -9.75 -34.56 -14.18
C HIS B 123 -10.89 -34.74 -13.18
N ASP B 125 -10.46 -37.13 -10.54
CA ASP B 125 -9.98 -37.98 -9.45
C ASP B 125 -10.43 -37.45 -8.09
N LEU B 126 -10.38 -36.12 -7.94
CA LEU B 126 -10.73 -35.44 -6.72
C LEU B 126 -12.17 -34.93 -6.78
N PRO B 127 -12.77 -34.58 -5.63
CA PRO B 127 -14.19 -34.19 -5.65
C PRO B 127 -14.46 -33.04 -6.61
N LEU B 128 -15.59 -33.13 -7.33
CA LEU B 128 -15.94 -32.15 -8.34
C LEU B 128 -16.00 -30.74 -7.75
N SER B 129 -16.48 -30.61 -6.51
CA SER B 129 -16.64 -29.30 -5.90
C SER B 129 -15.31 -28.61 -5.63
N TYR B 130 -14.19 -29.32 -5.71
CA TYR B 130 -12.89 -28.70 -5.48
C TYR B 130 -12.51 -27.69 -6.55
N HIS B 131 -13.16 -27.74 -7.71
CA HIS B 131 -12.82 -26.88 -8.83
C HIS B 131 -13.48 -25.51 -8.77
N ILE B 132 -14.30 -25.26 -7.76
CA ILE B 132 -14.69 -23.90 -7.40
C ILE B 132 -14.10 -23.51 -6.05
N GLY B 133 -13.10 -24.25 -5.60
CA GLY B 133 -12.44 -23.97 -4.33
C GLY B 133 -10.93 -24.00 -4.43
N ILE B 134 -10.32 -25.04 -3.85
CA ILE B 134 -8.86 -25.13 -3.83
C ILE B 134 -8.30 -25.29 -5.24
N LEU B 135 -9.04 -25.92 -6.14
CA LEU B 135 -8.62 -26.07 -7.54
C LEU B 135 -9.28 -25.04 -8.44
N GLY B 136 -9.96 -24.05 -7.88
CA GLY B 136 -10.61 -23.03 -8.67
C GLY B 136 -10.10 -21.63 -8.38
N MET B 137 -10.99 -20.64 -8.53
CA MET B 137 -10.60 -19.25 -8.30
C MET B 137 -10.07 -18.97 -6.90
N PRO B 138 -10.64 -19.53 -5.81
CA PRO B 138 -10.04 -19.29 -4.49
C PRO B 138 -8.62 -19.82 -4.37
N GLY B 139 -8.37 -21.02 -4.88
CA GLY B 139 -7.02 -21.56 -4.84
C GLY B 139 -6.03 -20.70 -5.62
N LEU B 140 -6.40 -20.33 -6.85
CA LEU B 140 -5.54 -19.47 -7.65
C LEU B 140 -5.33 -18.12 -6.97
N THR B 141 -6.37 -17.61 -6.32
CA THR B 141 -6.24 -16.35 -5.59
C THR B 141 -5.19 -16.47 -4.48
N ALA B 142 -5.26 -17.55 -3.70
CA ALA B 142 -4.27 -17.78 -2.65
C ALA B 142 -2.88 -17.95 -3.24
N TYR B 143 -2.76 -18.68 -4.35
CA TYR B 143 -1.46 -18.91 -4.98
C TYR B 143 -0.84 -17.60 -5.46
N ALA B 144 -1.63 -16.77 -6.14
CA ALA B 144 -1.10 -15.53 -6.68
C ALA B 144 -0.74 -14.54 -5.58
N GLY B 145 -1.61 -14.41 -4.57
CA GLY B 145 -1.35 -13.46 -3.50
C GLY B 145 -0.11 -13.79 -2.69
N PHE B 146 0.13 -15.08 -2.45
CA PHE B 146 1.24 -15.50 -1.59
C PHE B 146 2.55 -15.66 -2.38
N TYR B 147 2.53 -16.49 -3.41
CA TYR B 147 3.77 -16.80 -4.13
C TYR B 147 4.17 -15.70 -5.10
N GLU B 148 3.21 -15.14 -5.84
CA GLU B 148 3.54 -14.19 -6.89
C GLU B 148 3.75 -12.78 -6.36
N ILE B 149 3.09 -12.40 -5.28
CA ILE B 149 3.07 -11.02 -4.83
C ILE B 149 3.79 -10.81 -3.51
N SER B 150 3.70 -11.76 -2.58
CA SER B 150 4.25 -11.57 -1.25
C SER B 150 5.72 -11.97 -1.12
N SER B 151 6.28 -12.65 -2.12
CA SER B 151 7.69 -13.04 -2.14
C SER B 151 8.14 -13.72 -0.84
N PRO B 152 7.54 -14.87 -0.51
CA PRO B 152 7.83 -15.48 0.80
C PRO B 152 9.23 -16.09 0.85
N LYS B 153 9.90 -15.88 1.98
CA LYS B 153 11.18 -16.51 2.27
C LYS B 153 11.04 -17.36 3.53
N GLU B 154 11.85 -18.42 3.60
CA GLU B 154 11.80 -19.31 4.75
C GLU B 154 12.17 -18.57 6.03
N GLY B 155 11.44 -18.85 7.11
CA GLY B 155 11.66 -18.21 8.38
C GLY B 155 10.87 -16.93 8.60
N GLU B 156 10.20 -16.42 7.58
CA GLU B 156 9.44 -15.19 7.72
C GLU B 156 8.14 -15.43 8.47
N THR B 157 7.58 -14.35 9.02
CA THR B 157 6.35 -14.41 9.81
C THR B 157 5.18 -13.97 8.95
N VAL B 158 4.09 -14.72 9.00
CA VAL B 158 2.92 -14.49 8.14
C VAL B 158 1.69 -14.38 9.01
N PHE B 159 0.86 -13.35 8.77
CA PHE B 159 -0.43 -13.22 9.42
C PHE B 159 -1.52 -13.27 8.36
N VAL B 160 -2.56 -14.07 8.62
CA VAL B 160 -3.66 -14.30 7.68
C VAL B 160 -4.96 -13.89 8.37
N SER B 161 -5.66 -12.93 7.78
CA SER B 161 -6.98 -12.56 8.26
C SER B 161 -8.04 -13.37 7.52
N ALA B 162 -9.17 -13.59 8.19
CA ALA B 162 -10.24 -14.46 7.69
C ALA B 162 -9.66 -15.80 7.23
N ALA B 163 -8.85 -16.40 8.12
CA ALA B 163 -8.02 -17.54 7.73
C ALA B 163 -8.83 -18.81 7.51
N SER B 164 -10.06 -18.89 8.03
CA SER B 164 -10.86 -20.09 7.84
C SER B 164 -11.53 -20.15 6.48
N GLY B 165 -11.56 -19.03 5.75
CA GLY B 165 -12.12 -19.03 4.41
C GLY B 165 -11.29 -19.84 3.44
N ALA B 166 -11.82 -19.98 2.22
CA ALA B 166 -11.16 -20.80 1.21
C ALA B 166 -9.78 -20.25 0.87
N VAL B 167 -9.64 -18.94 0.73
CA VAL B 167 -8.35 -18.35 0.40
C VAL B 167 -7.40 -18.46 1.58
N GLY B 168 -7.88 -18.06 2.77
CA GLY B 168 -6.99 -18.01 3.92
C GLY B 168 -6.43 -19.37 4.31
N GLN B 169 -7.27 -20.41 4.30
CA GLN B 169 -6.80 -21.73 4.72
C GLN B 169 -5.74 -22.28 3.77
N LEU B 170 -5.74 -21.83 2.51
CA LEU B 170 -4.71 -22.26 1.58
C LEU B 170 -3.45 -21.42 1.69
N VAL B 171 -3.59 -20.12 1.98
CA VAL B 171 -2.42 -19.27 2.16
C VAL B 171 -1.59 -19.76 3.34
N GLY B 172 -2.25 -20.11 4.44
CA GLY B 172 -1.53 -20.59 5.61
C GLY B 172 -0.78 -21.89 5.33
N GLN B 173 -1.43 -22.82 4.63
CA GLN B 173 -0.75 -24.06 4.26
C GLN B 173 0.41 -23.78 3.31
N PHE B 174 0.23 -22.83 2.39
CA PHE B 174 1.34 -22.40 1.53
C PHE B 174 2.47 -21.82 2.36
N ALA B 175 2.13 -21.10 3.44
CA ALA B 175 3.16 -20.48 4.28
C ALA B 175 3.97 -21.54 5.02
N LYS B 176 3.32 -22.58 5.54
CA LYS B 176 4.04 -23.64 6.21
C LYS B 176 4.91 -24.42 5.24
N LEU B 177 4.46 -24.59 3.99
CA LEU B 177 5.25 -25.30 2.99
C LEU B 177 6.55 -24.56 2.71
N SER B 178 6.51 -23.23 2.74
CA SER B 178 7.69 -22.41 2.51
C SER B 178 8.52 -22.20 3.78
N GLY B 179 8.17 -22.88 4.87
CA GLY B 179 8.93 -22.74 6.11
C GLY B 179 8.72 -21.43 6.82
N CYS B 180 7.49 -20.92 6.86
CA CYS B 180 7.17 -19.67 7.53
C CYS B 180 6.37 -19.93 8.79
N TYR B 181 6.53 -19.04 9.76
CA TYR B 181 5.69 -19.03 10.95
C TYR B 181 4.41 -18.26 10.64
N VAL B 182 3.27 -18.93 10.69
CA VAL B 182 2.01 -18.35 10.24
C VAL B 182 1.01 -18.35 11.39
N VAL B 183 0.24 -17.26 11.49
CA VAL B 183 -0.85 -17.12 12.45
C VAL B 183 -2.08 -16.66 11.68
N GLY B 184 -3.24 -17.13 12.11
CA GLY B 184 -4.49 -16.76 11.47
C GLY B 184 -5.51 -16.27 12.49
N SER B 185 -6.43 -15.44 12.00
CA SER B 185 -7.53 -14.94 12.81
C SER B 185 -8.85 -15.45 12.25
N ALA B 186 -9.80 -15.70 13.15
CA ALA B 186 -11.11 -16.21 12.78
C ALA B 186 -12.12 -15.76 13.82
N GLY B 187 -13.40 -16.05 13.54
CA GLY B 187 -14.48 -15.49 14.33
C GLY B 187 -15.12 -16.41 15.35
N THR B 188 -14.76 -17.70 15.34
CA THR B 188 -15.31 -18.66 16.29
C THR B 188 -14.18 -19.52 16.86
N LYS B 189 -14.46 -20.14 18.01
CA LYS B 189 -13.49 -21.05 18.61
C LYS B 189 -13.24 -22.26 17.73
N ASP B 190 -14.30 -22.80 17.12
CA ASP B 190 -14.16 -23.97 16.26
C ASP B 190 -13.24 -23.66 15.08
N LYS B 191 -13.38 -22.47 14.49
CA LYS B 191 -12.50 -22.09 13.39
C LYS B 191 -11.06 -21.92 13.88
N VAL B 192 -10.88 -21.31 15.05
CA VAL B 192 -9.54 -21.16 15.62
C VAL B 192 -8.90 -22.53 15.80
N ASP B 193 -9.65 -23.49 16.33
CA ASP B 193 -9.13 -24.84 16.51
C ASP B 193 -8.89 -25.51 15.16
N MET B 194 -9.78 -25.30 14.20
CA MET B 194 -9.61 -25.91 12.88
C MET B 194 -8.36 -25.40 12.18
N LEU B 195 -8.04 -24.11 12.38
CA LEU B 195 -6.85 -23.55 11.74
C LEU B 195 -5.59 -24.23 12.21
N LYS B 196 -5.52 -24.57 13.50
CA LYS B 196 -4.33 -25.20 14.06
C LYS B 196 -4.36 -26.72 14.00
N ASN B 197 -5.55 -27.32 14.05
CA ASN B 197 -5.66 -28.78 14.07
C ASN B 197 -5.75 -29.39 12.68
N LYS B 198 -6.05 -28.61 11.64
CA LYS B 198 -6.27 -29.19 10.33
C LYS B 198 -5.45 -28.51 9.24
N PHE B 199 -5.13 -27.23 9.42
CA PHE B 199 -4.42 -26.47 8.41
C PHE B 199 -2.98 -26.16 8.80
N GLY B 200 -2.50 -26.71 9.90
CA GLY B 200 -1.10 -26.54 10.28
C GLY B 200 -0.69 -25.14 10.65
N PHE B 201 -1.65 -24.26 10.97
CA PHE B 201 -1.31 -22.93 11.45
C PHE B 201 -0.55 -23.05 12.77
N ASP B 202 0.54 -22.28 12.89
CA ASP B 202 1.31 -22.31 14.12
C ASP B 202 0.48 -21.80 15.30
N ASP B 203 -0.27 -20.73 15.07
CA ASP B 203 -1.14 -20.17 16.11
C ASP B 203 -2.36 -19.55 15.44
N ALA B 204 -3.37 -19.26 16.26
CA ALA B 204 -4.59 -18.64 15.79
C ALA B 204 -5.35 -18.09 16.99
N PHE B 205 -6.11 -17.02 16.75
CA PHE B 205 -6.88 -16.38 17.81
C PHE B 205 -8.24 -15.94 17.28
N ASN B 206 -9.18 -15.76 18.22
CA ASN B 206 -10.52 -15.30 17.91
C ASN B 206 -10.54 -13.78 18.02
N TYR B 207 -10.65 -13.08 16.89
CA TYR B 207 -10.52 -11.63 16.88
C TYR B 207 -11.68 -10.91 17.59
N LYS B 208 -12.76 -11.62 17.90
CA LYS B 208 -13.87 -11.02 18.62
C LYS B 208 -13.74 -11.15 20.14
N GLU B 209 -12.96 -12.11 20.63
CA GLU B 209 -12.66 -12.21 22.04
C GLU B 209 -11.47 -11.35 22.45
N GLU B 210 -10.70 -10.85 21.50
CA GLU B 210 -9.57 -9.97 21.76
C GLU B 210 -10.00 -8.54 21.47
N HIS B 211 -10.12 -7.72 22.51
CA HIS B 211 -10.58 -6.35 22.36
C HIS B 211 -9.48 -5.38 21.98
N ASP B 212 -8.25 -5.64 22.42
CA ASP B 212 -7.08 -4.84 22.01
C ASP B 212 -6.32 -5.67 20.97
N LEU B 213 -6.48 -5.29 19.70
CA LEU B 213 -5.90 -6.09 18.62
C LEU B 213 -4.38 -5.93 18.54
N ASP B 214 -3.86 -4.76 18.88
CA ASP B 214 -2.42 -4.57 18.88
C ASP B 214 -1.74 -5.52 19.87
N ALA B 215 -2.28 -5.61 21.09
CA ALA B 215 -1.74 -6.54 22.07
C ALA B 215 -1.82 -7.98 21.56
N ALA B 216 -2.90 -8.30 20.83
CA ALA B 216 -3.03 -9.65 20.27
C ALA B 216 -1.90 -9.95 19.30
N LEU B 217 -1.65 -9.03 18.36
CA LEU B 217 -0.62 -9.27 17.35
C LEU B 217 0.78 -9.27 17.96
N LYS B 218 1.02 -8.41 18.96
CA LYS B 218 2.31 -8.42 19.64
C LYS B 218 2.54 -9.75 20.34
N ARG B 219 1.47 -10.36 20.86
CA ARG B 219 1.58 -11.64 21.55
C ARG B 219 2.13 -12.72 20.63
N TYR B 220 1.66 -12.74 19.37
CA TYR B 220 2.07 -13.78 18.43
C TYR B 220 3.25 -13.36 17.58
N PHE B 221 3.43 -12.06 17.35
CA PHE B 221 4.56 -11.53 16.58
C PHE B 221 5.32 -10.55 17.47
N PRO B 222 6.13 -11.06 18.40
CA PRO B 222 6.90 -10.15 19.26
C PRO B 222 7.89 -9.27 18.51
N GLU B 223 8.23 -9.61 17.27
CA GLU B 223 9.19 -8.82 16.49
C GLU B 223 8.62 -8.38 15.15
N GLY B 224 7.30 -8.43 14.98
CA GLY B 224 6.67 -7.94 13.77
C GLY B 224 6.28 -9.05 12.81
N ILE B 225 5.62 -8.64 11.74
CA ILE B 225 5.10 -9.54 10.72
C ILE B 225 5.77 -9.23 9.39
N ASP B 226 6.21 -10.26 8.68
CA ASP B 226 6.82 -10.09 7.37
C ASP B 226 5.76 -9.97 6.28
N ILE B 227 4.75 -10.84 6.31
CA ILE B 227 3.72 -10.89 5.26
C ILE B 227 2.35 -10.86 5.93
N TYR B 228 1.54 -9.87 5.57
CA TYR B 228 0.14 -9.83 5.98
C TYR B 228 -0.71 -10.10 4.75
N PHE B 229 -1.39 -11.24 4.73
CA PHE B 229 -2.37 -11.54 3.70
C PHE B 229 -3.72 -10.98 4.16
N ASP B 230 -4.16 -9.89 3.53
CA ASP B 230 -5.29 -9.11 3.99
C ASP B 230 -6.57 -9.58 3.28
N ASN B 231 -7.45 -10.22 4.03
CA ASN B 231 -8.77 -10.59 3.54
C ASN B 231 -9.89 -9.68 4.05
N VAL B 232 -9.60 -8.80 5.02
CA VAL B 232 -10.66 -8.05 5.69
C VAL B 232 -10.42 -6.55 5.59
N GLY B 233 -9.16 -6.12 5.62
CA GLY B 233 -8.87 -4.69 5.65
C GLY B 233 -9.44 -4.03 6.89
N GLY B 234 -9.66 -2.72 6.78
CA GLY B 234 -10.38 -2.00 7.82
C GLY B 234 -9.63 -1.98 9.14
N LYS B 235 -10.37 -2.28 10.22
CA LYS B 235 -9.81 -2.17 11.57
C LYS B 235 -8.65 -3.14 11.79
N MET B 236 -8.75 -4.35 11.23
CA MET B 236 -7.67 -5.32 11.40
C MET B 236 -6.41 -4.86 10.67
N LEU B 237 -6.55 -4.33 9.45
CA LEU B 237 -5.41 -3.80 8.74
C LEU B 237 -4.76 -2.66 9.52
N ASP B 238 -5.58 -1.81 10.16
CA ASP B 238 -5.03 -0.71 10.95
C ASP B 238 -4.24 -1.24 12.13
N ALA B 239 -4.74 -2.29 12.80
CA ALA B 239 -3.97 -2.88 13.89
C ALA B 239 -2.71 -3.57 13.40
N VAL B 240 -2.73 -4.08 12.17
CA VAL B 240 -1.60 -4.82 11.63
C VAL B 240 -0.47 -3.86 11.24
N LEU B 241 -0.82 -2.68 10.73
CA LEU B 241 0.18 -1.79 10.11
C LEU B 241 1.34 -1.43 11.03
N PRO B 242 1.12 -1.00 12.29
CA PRO B 242 2.28 -0.72 13.15
C PRO B 242 3.04 -1.97 13.57
N ASN B 243 2.51 -3.16 13.33
CA ASN B 243 3.17 -4.40 13.69
C ASN B 243 3.93 -5.03 12.53
N MET B 244 4.08 -4.31 11.42
CA MET B 244 4.80 -4.85 10.27
C MET B 244 6.31 -4.73 10.47
N LYS B 245 7.04 -5.70 9.93
CA LYS B 245 8.48 -5.61 9.88
C LYS B 245 8.92 -4.66 8.77
N THR B 246 10.16 -4.20 8.86
CA THR B 246 10.72 -3.35 7.82
C THR B 246 10.76 -4.12 6.51
N LYS B 247 10.40 -3.44 5.42
CA LYS B 247 10.30 -4.05 4.09
C LYS B 247 9.26 -5.17 4.07
N GLY B 248 8.26 -5.09 4.94
CA GLY B 248 7.20 -6.08 4.94
C GLY B 248 6.28 -5.90 3.74
N ARG B 249 5.48 -6.94 3.49
CA ARG B 249 4.62 -6.97 2.31
C ARG B 249 3.19 -7.28 2.73
N ILE B 250 2.24 -6.60 2.09
CA ILE B 250 0.82 -6.80 2.34
C ILE B 250 0.16 -7.15 1.01
N ALA B 251 -0.53 -8.29 0.98
CA ALA B 251 -1.26 -8.74 -0.19
C ALA B 251 -2.74 -8.43 0.04
N THR B 252 -3.26 -7.43 -0.68
CA THR B 252 -4.65 -6.98 -0.53
C THR B 252 -5.53 -7.83 -1.43
N CYS B 253 -6.00 -8.94 -0.86
CA CYS B 253 -6.83 -9.88 -1.57
C CYS B 253 -8.31 -9.53 -1.52
N GLY B 254 -8.79 -9.07 -0.37
CA GLY B 254 -10.17 -8.66 -0.24
C GLY B 254 -10.35 -7.81 1.00
N MET B 255 -11.52 -7.16 1.07
CA MET B 255 -11.91 -6.34 2.20
C MET B 255 -13.38 -6.64 2.52
N SER B 257 -14.94 -6.84 5.33
CA SER B 257 -15.54 -5.95 6.31
C SER B 257 -15.95 -4.60 5.70
N GLN B 258 -15.65 -4.39 4.42
CA GLN B 258 -16.02 -3.15 3.74
C GLN B 258 -16.73 -3.46 2.43
N ASP B 262 -22.79 1.32 5.81
CA ASP B 262 -21.89 0.91 4.74
C ASP B 262 -20.64 1.78 4.70
N GLU B 263 -20.55 2.73 5.63
CA GLU B 263 -19.37 3.57 5.72
C GLU B 263 -18.16 2.72 6.09
N ALA B 264 -17.03 3.01 5.45
CA ALA B 264 -15.82 2.21 5.66
C ALA B 264 -15.06 2.72 6.88
N GLU B 265 -14.48 1.78 7.61
CA GLU B 265 -13.64 2.15 8.76
C GLU B 265 -12.42 2.93 8.27
N GLY B 266 -12.19 4.09 8.88
CA GLY B 266 -11.04 4.89 8.51
C GLY B 266 -9.74 4.22 8.93
N VAL B 267 -8.81 4.12 7.99
CA VAL B 267 -7.49 3.56 8.25
C VAL B 267 -6.54 4.73 8.52
N ARG B 268 -5.98 4.77 9.73
CA ARG B 268 -5.21 5.92 10.18
C ARG B 268 -3.72 5.67 10.31
N ASN B 269 -3.26 4.42 10.15
CA ASN B 269 -1.85 4.07 10.36
C ASN B 269 -1.09 3.89 9.04
N LEU B 270 -1.55 4.52 7.96
CA LEU B 270 -0.87 4.35 6.68
C LEU B 270 0.50 5.02 6.65
N PHE B 271 0.83 5.85 7.64
CA PHE B 271 2.20 6.37 7.74
C PHE B 271 3.20 5.23 7.95
N CYS B 272 2.76 4.09 8.48
CA CYS B 272 3.63 2.93 8.61
C CYS B 272 4.09 2.39 7.28
N ILE B 273 3.36 2.68 6.19
CA ILE B 273 3.83 2.31 4.87
C ILE B 273 5.19 2.94 4.60
N MET B 274 5.40 4.16 5.09
CA MET B 274 6.69 4.82 4.93
C MET B 274 7.69 4.37 6.00
N THR B 275 7.30 4.46 7.28
CA THR B 275 8.24 4.19 8.36
C THR B 275 8.69 2.74 8.38
N LYS B 276 7.86 1.81 7.92
CA LYS B 276 8.23 0.41 7.83
C LYS B 276 8.61 -0.01 6.42
N GLN B 277 8.50 0.90 5.44
CA GLN B 277 8.84 0.61 4.05
C GLN B 277 8.09 -0.60 3.52
N ILE B 278 6.76 -0.56 3.66
CA ILE B 278 5.88 -1.67 3.28
C ILE B 278 5.57 -1.59 1.80
N ARG B 279 5.46 -2.75 1.16
CA ARG B 279 4.90 -2.87 -0.18
C ARG B 279 3.52 -3.49 -0.05
N MET B 280 2.48 -2.68 -0.22
CA MET B 280 1.10 -3.15 -0.19
C MET B 280 0.59 -3.22 -1.63
N GLN B 281 0.17 -4.41 -2.05
CA GLN B 281 -0.23 -4.63 -3.43
C GLN B 281 -1.60 -5.30 -3.49
N GLY B 282 -2.50 -4.70 -4.25
CA GLY B 282 -3.76 -5.35 -4.55
C GLY B 282 -3.72 -6.07 -5.89
N TYR B 283 -4.61 -7.03 -6.05
CA TYR B 283 -4.64 -7.82 -7.28
C TYR B 283 -6.03 -8.41 -7.46
N LEU B 284 -6.32 -8.76 -8.72
CA LEU B 284 -7.55 -9.42 -9.09
C LEU B 284 -7.21 -10.76 -9.72
N VAL B 285 -7.76 -11.84 -9.16
CA VAL B 285 -7.38 -13.19 -9.57
C VAL B 285 -7.50 -13.39 -11.08
N TYR B 286 -8.43 -12.66 -11.72
CA TYR B 286 -8.63 -12.81 -13.15
C TYR B 286 -7.37 -12.45 -13.95
N TYR B 287 -6.51 -11.61 -13.38
CA TYR B 287 -5.28 -11.23 -14.07
C TYR B 287 -4.15 -12.24 -13.89
N TYR B 288 -4.43 -13.37 -13.27
CA TYR B 288 -3.42 -14.39 -12.99
C TYR B 288 -3.86 -15.77 -13.44
N ARG B 289 -4.76 -15.83 -14.44
CA ARG B 289 -5.24 -17.12 -14.93
C ARG B 289 -4.11 -17.97 -15.49
N HIS B 290 -3.04 -17.34 -15.98
CA HIS B 290 -1.92 -18.07 -16.57
C HIS B 290 -1.18 -18.92 -15.55
N LEU B 291 -1.47 -18.78 -14.26
CA LEU B 291 -0.80 -19.53 -13.21
C LEU B 291 -1.55 -20.80 -12.80
N TYR B 292 -2.74 -21.04 -13.35
CA TYR B 292 -3.49 -22.27 -13.06
C TYR B 292 -2.64 -23.52 -13.19
N PRO B 293 -1.83 -23.71 -14.25
CA PRO B 293 -0.99 -24.92 -14.29
C PRO B 293 -0.02 -25.03 -13.12
N LYS B 294 0.57 -23.91 -12.69
CA LYS B 294 1.47 -23.96 -11.55
C LYS B 294 0.74 -24.32 -10.26
N LEU B 295 -0.50 -23.84 -10.10
CA LEU B 295 -1.29 -24.20 -8.94
C LEU B 295 -1.57 -25.70 -8.92
N PHE B 296 -2.14 -26.22 -10.01
CA PHE B 296 -2.46 -27.64 -10.08
C PHE B 296 -1.22 -28.49 -9.89
N ASP B 297 -0.13 -28.16 -10.59
CA ASP B 297 1.09 -28.95 -10.49
C ASP B 297 1.64 -28.97 -9.07
N LEU B 298 1.27 -28.02 -8.22
CA LEU B 298 1.73 -27.97 -6.84
C LEU B 298 0.76 -28.63 -5.86
N VAL B 299 -0.53 -28.29 -5.94
CA VAL B 299 -1.47 -28.72 -4.91
C VAL B 299 -2.02 -30.12 -5.19
N VAL B 300 -2.21 -30.49 -6.46
CA VAL B 300 -2.77 -31.80 -6.77
C VAL B 300 -1.90 -32.94 -6.24
N PRO B 301 -0.57 -32.94 -6.44
CA PRO B 301 0.24 -34.01 -5.82
C PRO B 301 0.10 -34.07 -4.31
N LEU B 302 0.24 -32.94 -3.62
CA LEU B 302 0.19 -32.94 -2.16
C LEU B 302 -1.23 -33.15 -1.63
N LEU B 303 -2.25 -32.85 -2.43
CA LEU B 303 -3.62 -33.15 -2.01
C LEU B 303 -3.80 -34.65 -1.81
N ARG B 304 -3.26 -35.45 -2.74
CA ARG B 304 -3.33 -36.89 -2.61
C ARG B 304 -2.30 -37.42 -1.63
N GLN B 305 -1.14 -36.77 -1.53
CA GLN B 305 -0.16 -37.10 -0.49
C GLN B 305 -0.63 -36.67 0.90
N GLY B 306 -1.80 -36.04 1.01
CA GLY B 306 -2.39 -35.74 2.30
C GLY B 306 -1.68 -34.70 3.12
N LYS B 307 -0.89 -33.82 2.49
CA LYS B 307 -0.22 -32.75 3.22
C LYS B 307 -0.90 -31.41 3.06
N ILE B 308 -2.00 -31.35 2.30
CA ILE B 308 -2.82 -30.14 2.19
C ILE B 308 -4.28 -30.56 2.32
N ASN B 309 -5.00 -29.93 3.24
CA ASN B 309 -6.41 -30.18 3.44
C ASN B 309 -7.24 -29.03 2.89
N TYR B 310 -8.55 -29.27 2.81
CA TYR B 310 -9.48 -28.27 2.29
C TYR B 310 -10.85 -28.56 2.89
N VAL B 311 -11.47 -27.54 3.45
CA VAL B 311 -12.75 -27.68 4.14
C VAL B 311 -13.78 -26.81 3.44
N GLU B 312 -14.92 -27.39 3.09
CA GLU B 312 -16.00 -26.68 2.44
C GLU B 312 -17.29 -26.86 3.23
N ASP B 313 -18.24 -25.96 2.98
CA ASP B 313 -19.57 -25.99 3.59
C ASP B 313 -20.58 -26.20 2.48
N VAL B 314 -21.13 -27.40 2.40
CA VAL B 314 -22.01 -27.80 1.30
C VAL B 314 -23.45 -27.66 1.75
N ALA B 315 -24.16 -26.71 1.13
CA ALA B 315 -25.60 -26.64 1.26
C ALA B 315 -26.24 -27.58 0.25
N GLU B 316 -27.31 -28.25 0.67
CA GLU B 316 -27.95 -29.28 -0.14
C GLU B 316 -29.16 -28.71 -0.86
N GLY B 317 -29.13 -28.77 -2.18
CA GLY B 317 -30.28 -28.37 -2.98
C GLY B 317 -30.23 -26.91 -3.37
N LEU B 318 -30.74 -26.62 -4.57
CA LEU B 318 -30.80 -25.25 -5.04
C LEU B 318 -31.66 -24.37 -4.12
N GLU B 319 -32.67 -24.95 -3.48
CA GLU B 319 -33.59 -24.17 -2.66
C GLU B 319 -32.89 -23.57 -1.45
N SER B 320 -31.84 -24.21 -0.95
CA SER B 320 -31.12 -23.69 0.20
C SER B 320 -30.08 -22.65 -0.16
N ALA B 321 -29.92 -22.34 -1.45
CA ALA B 321 -28.92 -21.36 -1.87
C ALA B 321 -29.13 -19.98 -1.26
N PRO B 322 -30.34 -19.43 -1.18
CA PRO B 322 -30.49 -18.15 -0.47
C PRO B 322 -29.98 -18.18 0.96
N ALA B 323 -30.44 -19.15 1.76
CA ALA B 323 -29.99 -19.24 3.15
C ALA B 323 -28.48 -19.41 3.24
N ALA B 324 -27.89 -20.18 2.31
CA ALA B 324 -26.45 -20.36 2.33
C ALA B 324 -25.70 -19.06 2.03
N LEU B 325 -26.26 -18.23 1.16
CA LEU B 325 -25.58 -17.00 0.78
C LEU B 325 -25.59 -15.99 1.92
N ILE B 326 -26.75 -15.76 2.54
CA ILE B 326 -26.82 -14.81 3.64
C ILE B 326 -26.04 -15.33 4.85
N GLY B 327 -26.04 -16.65 5.06
CA GLY B 327 -25.20 -17.21 6.11
C GLY B 327 -23.73 -16.94 5.87
N LEU B 328 -23.30 -16.95 4.61
CA LEU B 328 -21.94 -16.53 4.29
C LEU B 328 -21.74 -15.05 4.57
N PHE B 329 -22.74 -14.23 4.24
CA PHE B 329 -22.65 -12.80 4.54
C PHE B 329 -22.62 -12.56 6.05
N SER B 330 -23.22 -13.45 6.83
CA SER B 330 -23.25 -13.34 8.28
C SER B 330 -22.10 -14.09 8.95
N GLY B 331 -21.19 -14.70 8.17
CA GLY B 331 -20.06 -15.38 8.75
C GLY B 331 -20.36 -16.71 9.40
N ARG B 332 -21.50 -17.33 9.09
CA ARG B 332 -21.87 -18.60 9.68
C ARG B 332 -21.35 -19.80 8.89
N ASN B 333 -20.79 -19.58 7.70
CA ASN B 333 -20.17 -20.66 6.96
C ASN B 333 -18.94 -21.16 7.68
N VAL B 334 -18.55 -22.40 7.38
CA VAL B 334 -17.34 -23.02 7.89
C VAL B 334 -16.57 -23.51 6.68
N GLY B 335 -15.57 -22.76 6.25
CA GLY B 335 -14.88 -23.05 5.01
C GLY B 335 -15.57 -22.41 3.82
N LYS B 336 -15.21 -22.90 2.64
CA LYS B 336 -15.80 -22.40 1.41
C LYS B 336 -17.26 -22.81 1.32
N GLN B 337 -18.14 -21.83 1.14
CA GLN B 337 -19.57 -22.10 1.07
C GLN B 337 -19.97 -22.54 -0.33
N VAL B 338 -20.65 -23.67 -0.43
CA VAL B 338 -20.96 -24.29 -1.71
C VAL B 338 -22.39 -24.82 -1.65
N VAL B 339 -23.07 -24.74 -2.80
CA VAL B 339 -24.43 -25.28 -2.95
C VAL B 339 -24.36 -26.42 -3.98
N ARG B 340 -24.75 -27.62 -3.56
CA ARG B 340 -24.84 -28.76 -4.46
C ARG B 340 -26.21 -28.76 -5.10
N VAL B 341 -26.28 -28.46 -6.40
CA VAL B 341 -27.55 -28.40 -7.10
C VAL B 341 -28.00 -29.78 -7.54
N ALA B 342 -27.06 -30.61 -7.99
CA ALA B 342 -27.40 -31.95 -8.45
C ALA B 342 -26.15 -32.82 -8.41
N THR B 343 -26.38 -34.13 -8.29
CA THR B 343 -25.30 -35.09 -8.38
C THR B 343 -24.91 -35.34 -9.83
N GLU B 344 -23.70 -35.83 -10.02
CA GLU B 344 -23.16 -36.04 -11.36
C GLU B 344 -23.94 -37.08 -12.16
#